data_9DZ3
#
_entry.id   9DZ3
#
_cell.length_a   83.580
_cell.length_b   83.040
_cell.length_c   86.790
_cell.angle_alpha   90.000
_cell.angle_beta   107.740
_cell.angle_gamma   90.000
#
_symmetry.space_group_name_H-M   'P 1 21 1'
#
loop_
_entity.id
_entity.type
_entity.pdbx_description
1 polymer 'Photoreceptor-histidine kinase BphP'
2 non-polymer '3-[2-[[5-[[(3E,4S)-3-ethylidene-4-methyl-5-oxidanylidene-pyrrol-2-yl]methyl]-3-(3-hydroxy-3-oxopropyl)-4-methyl-1H-pyrrol-2-yl]methyl]-5-[(4-ethyl-3-methyl-5-oxidanylidene-pyrrol-2-yl)methyl]-4-methyl-1H-pyrrol-3-yl]propanoic acid'
3 non-polymer BENZAMIDINE
4 water water
#
_entity_poly.entity_id   1
_entity_poly.type   'polypeptide(L)'
_entity_poly.pdbx_seq_one_letter_code
;DLSQCDREPIHLLGGIQSHGVLLAFRGPDRLLEVVSANAQALLGRPPETLLGQPVGRVLPAEVLAQWEPLVARGSVRVVL
PAGAYRALLHESDGLTVLELEPAELQPGMEETALEVVRRLVSPLAGVKGTQALLQTAADTVRALTGFDRVMVYRFDADWH
GEVLAESKRGGMDGFLGMHFPATDIPVQARALYTRNPLRLIADARARPVPLLPPVVPALGRPLDLSNSALRSVSPVHLEY
LRNMGVGASFSLSLLKEGVLWGLIACHHLEPLHISHERRRACEVLTQLLALQLSAEERAAEASEDAHRAALLGQLATAMG
EGGTLEEVLEKESERVLALTGAAGVALLLGEEPLLVGCTPAQDEVEALVAWLATQPFQTSFHTDRLGTVYPPLAARADVA
AGILAVRLAPAAARFAIWFRPEVARTISWAGNPRKPAEPEPGHQRLHPRGSFQAWEETVRDTSLPWKRADLGAAEGFRGA
LV
;
_entity_poly.pdbx_strand_id   A,B
#
loop_
_chem_comp.id
_chem_comp.type
_chem_comp.name
_chem_comp.formula
3Q8 non-polymer '3-[2-[[5-[[(3E,4S)-3-ethylidene-4-methyl-5-oxidanylidene-pyrrol-2-yl]methyl]-3-(3-hydroxy-3-oxopropyl)-4-methyl-1H-pyrrol-2-yl]methyl]-5-[(4-ethyl-3-methyl-5-oxidanylidene-pyrrol-2-yl)methyl]-4-methyl-1H-pyrrol-3-yl]propanoic acid' 'C33 H40 N4 O6'
BEN non-polymer BENZAMIDINE 'C7 H8 N2'
#
# COMPACT_ATOMS: atom_id res chain seq x y z
N ASP A 1 -31.29 -18.41 -3.48
CA ASP A 1 -31.49 -17.05 -3.99
C ASP A 1 -32.48 -17.07 -5.15
N LEU A 2 -32.53 -15.96 -5.90
CA LEU A 2 -33.47 -15.78 -7.00
C LEU A 2 -33.20 -16.78 -8.13
N SER A 3 -32.14 -16.56 -8.89
CA SER A 3 -31.89 -17.29 -10.12
C SER A 3 -31.77 -18.78 -9.87
N GLN A 4 -32.17 -19.55 -10.89
CA GLN A 4 -31.59 -20.87 -11.09
C GLN A 4 -30.08 -20.76 -11.30
N CYS A 5 -29.58 -19.60 -11.73
CA CYS A 5 -28.13 -19.38 -11.82
C CYS A 5 -27.45 -19.51 -10.45
N ASP A 6 -28.09 -19.00 -9.39
CA ASP A 6 -27.51 -19.12 -8.05
C ASP A 6 -27.62 -20.53 -7.50
N ARG A 7 -28.49 -21.36 -8.03
CA ARG A 7 -28.69 -22.67 -7.43
C ARG A 7 -27.54 -23.63 -7.72
N GLU A 8 -26.92 -23.55 -8.90
CA GLU A 8 -25.98 -24.60 -9.34
C GLU A 8 -24.85 -24.79 -8.34
N PRO A 9 -24.68 -26.00 -7.79
CA PRO A 9 -23.62 -26.20 -6.79
C PRO A 9 -22.28 -26.46 -7.49
N ILE A 10 -21.53 -25.38 -7.78
CA ILE A 10 -20.39 -25.50 -8.67
C ILE A 10 -19.20 -26.20 -8.04
N HIS A 11 -19.23 -26.48 -6.75
CA HIS A 11 -18.17 -27.25 -6.12
C HIS A 11 -18.47 -28.74 -6.07
N LEU A 12 -19.65 -29.15 -6.52
CA LEU A 12 -20.08 -30.54 -6.45
C LEU A 12 -20.45 -31.05 -7.82
N LEU A 13 -19.74 -30.59 -8.84
CA LEU A 13 -20.01 -31.05 -10.19
C LEU A 13 -19.27 -32.33 -10.51
N GLY A 14 -18.28 -32.72 -9.72
CA GLY A 14 -17.64 -34.01 -9.89
C GLY A 14 -16.84 -34.19 -11.17
N GLY A 15 -16.18 -33.15 -11.65
CA GLY A 15 -15.32 -33.30 -12.83
C GLY A 15 -14.10 -32.41 -12.72
N ILE A 16 -12.99 -32.88 -13.33
CA ILE A 16 -11.75 -32.10 -13.41
C ILE A 16 -11.37 -31.89 -14.88
N GLN A 17 -10.47 -30.94 -15.07
CA GLN A 17 -9.97 -30.63 -16.40
C GLN A 17 -8.95 -31.68 -16.83
N SER A 18 -8.84 -31.89 -18.14
CA SER A 18 -8.16 -33.07 -18.64
C SER A 18 -6.64 -32.99 -18.52
N HIS A 19 -6.08 -31.81 -18.32
CA HIS A 19 -4.63 -31.64 -18.29
C HIS A 19 -3.99 -32.05 -16.97
N GLY A 20 -4.77 -32.46 -15.97
CA GLY A 20 -4.24 -32.93 -14.72
C GLY A 20 -4.96 -34.19 -14.23
N VAL A 21 -4.54 -34.65 -13.07
CA VAL A 21 -5.02 -35.89 -12.51
C VAL A 21 -5.27 -35.63 -11.03
N LEU A 22 -6.38 -36.16 -10.50
CA LEU A 22 -6.72 -35.99 -9.10
C LEU A 22 -6.75 -37.36 -8.43
N LEU A 23 -6.17 -37.43 -7.23
CA LEU A 23 -6.23 -38.61 -6.38
C LEU A 23 -6.58 -38.19 -4.96
N ALA A 24 -7.46 -38.96 -4.32
CA ALA A 24 -7.87 -38.71 -2.94
C ALA A 24 -7.70 -39.97 -2.12
N PHE A 25 -6.97 -39.83 -1.01
CA PHE A 25 -6.63 -40.91 -0.09
C PHE A 25 -7.29 -40.72 1.27
N ARG A 26 -7.76 -41.83 1.86
CA ARG A 26 -8.42 -41.84 3.18
C ARG A 26 -7.64 -42.65 4.21
N GLY A 27 -7.59 -42.13 5.43
CA GLY A 27 -7.19 -42.93 6.55
C GLY A 27 -5.71 -43.20 6.67
N PRO A 28 -5.33 -43.90 7.75
CA PRO A 28 -3.90 -44.15 8.03
C PRO A 28 -3.18 -44.92 6.96
N ASP A 29 -3.83 -45.90 6.34
CA ASP A 29 -3.21 -46.65 5.25
C ASP A 29 -3.14 -45.84 3.97
N ARG A 30 -3.63 -44.60 3.98
CA ARG A 30 -3.67 -43.76 2.78
C ARG A 30 -4.29 -44.54 1.62
N LEU A 31 -5.47 -45.09 1.85
CA LEU A 31 -6.14 -45.90 0.83
C LEU A 31 -6.77 -45.02 -0.23
N LEU A 32 -6.64 -45.44 -1.48
CA LEU A 32 -7.16 -44.64 -2.59
C LEU A 32 -8.68 -44.76 -2.65
N GLU A 33 -9.37 -43.63 -2.41
CA GLU A 33 -10.83 -43.60 -2.32
C GLU A 33 -11.53 -42.88 -3.48
N VAL A 34 -10.94 -41.83 -4.05
CA VAL A 34 -11.48 -41.19 -5.24
C VAL A 34 -10.35 -40.99 -6.23
N VAL A 35 -10.66 -41.11 -7.52
CA VAL A 35 -9.65 -40.97 -8.58
C VAL A 35 -10.33 -40.51 -9.87
N SER A 36 -9.70 -39.58 -10.58
CA SER A 36 -10.24 -39.14 -11.85
C SER A 36 -10.08 -40.25 -12.89
N ALA A 37 -11.00 -40.27 -13.87
CA ALA A 37 -11.04 -41.41 -14.77
C ALA A 37 -9.85 -41.42 -15.74
N ASN A 38 -9.22 -40.27 -15.99
CA ASN A 38 -8.00 -40.18 -16.80
C ASN A 38 -6.74 -40.62 -16.05
N ALA A 39 -6.87 -41.18 -14.85
CA ALA A 39 -5.71 -41.38 -14.00
C ALA A 39 -4.67 -42.30 -14.64
N GLN A 40 -5.08 -43.18 -15.53
CA GLN A 40 -4.12 -44.05 -16.19
C GLN A 40 -3.12 -43.25 -17.04
N ALA A 41 -3.52 -42.06 -17.50
CA ALA A 41 -2.64 -41.25 -18.33
C ALA A 41 -1.32 -40.95 -17.64
N LEU A 42 -1.27 -41.00 -16.31
CA LEU A 42 -0.03 -40.86 -15.58
C LEU A 42 0.30 -42.05 -14.71
N LEU A 43 -0.62 -42.97 -14.48
CA LEU A 43 -0.43 -44.03 -13.51
C LEU A 43 -0.20 -45.39 -14.16
N GLY A 44 -0.13 -45.45 -15.49
CA GLY A 44 0.10 -46.70 -16.17
C GLY A 44 -1.09 -47.63 -16.21
N ARG A 45 -1.72 -47.94 -14.98
CA ARG A 45 -2.75 -48.93 -14.68
C ARG A 45 -4.16 -48.31 -14.73
N PRO A 46 -5.17 -49.12 -15.03
CA PRO A 46 -6.56 -48.64 -14.98
C PRO A 46 -6.92 -48.09 -13.62
N PRO A 47 -7.55 -46.91 -13.56
CA PRO A 47 -7.98 -46.33 -12.27
C PRO A 47 -8.81 -47.27 -11.38
N GLU A 48 -9.82 -47.93 -11.95
CA GLU A 48 -10.75 -48.74 -11.17
C GLU A 48 -10.05 -49.78 -10.31
N THR A 49 -8.94 -50.34 -10.83
CA THR A 49 -8.12 -51.34 -10.13
C THR A 49 -7.25 -50.74 -9.06
N LEU A 50 -7.29 -49.43 -8.87
CA LEU A 50 -6.47 -48.80 -7.85
C LEU A 50 -7.30 -48.28 -6.67
N LEU A 51 -8.63 -48.25 -6.78
CA LEU A 51 -9.45 -47.86 -5.64
C LEU A 51 -9.33 -48.91 -4.54
N GLY A 52 -9.06 -48.45 -3.31
CA GLY A 52 -8.87 -49.32 -2.17
C GLY A 52 -7.44 -49.76 -1.92
N GLN A 53 -6.45 -49.40 -2.84
CA GLN A 53 -5.05 -49.77 -2.68
C GLN A 53 -4.31 -48.73 -1.86
N PRO A 54 -3.27 -49.11 -1.13
CA PRO A 54 -2.51 -48.11 -0.38
C PRO A 54 -1.70 -47.23 -1.31
N VAL A 55 -1.52 -45.98 -0.88
CA VAL A 55 -0.75 -44.98 -1.63
C VAL A 55 0.57 -45.57 -2.08
N GLY A 56 1.19 -46.40 -1.23
CA GLY A 56 2.48 -46.98 -1.55
C GLY A 56 2.46 -47.82 -2.80
N ARG A 57 1.30 -48.34 -3.17
CA ARG A 57 1.20 -49.25 -4.30
C ARG A 57 0.44 -48.67 -5.49
N VAL A 58 0.13 -47.37 -5.49
CA VAL A 58 -0.55 -46.76 -6.62
C VAL A 58 0.29 -45.64 -7.24
N LEU A 59 0.94 -44.82 -6.43
CA LEU A 59 1.73 -43.73 -6.96
C LEU A 59 3.04 -44.25 -7.55
N PRO A 60 3.49 -43.64 -8.64
CA PRO A 60 4.84 -43.92 -9.13
C PRO A 60 5.92 -43.58 -8.11
N ALA A 61 7.03 -44.30 -8.20
CA ALA A 61 8.14 -44.12 -7.28
C ALA A 61 8.69 -42.70 -7.32
N GLU A 62 8.68 -42.06 -8.50
CA GLU A 62 9.10 -40.66 -8.57
C GLU A 62 8.32 -39.79 -7.60
N VAL A 63 6.99 -39.97 -7.56
CA VAL A 63 6.17 -39.18 -6.64
C VAL A 63 6.43 -39.62 -5.22
N LEU A 64 6.50 -40.93 -4.99
CA LEU A 64 6.69 -41.45 -3.63
C LEU A 64 8.01 -40.97 -3.05
N ALA A 65 9.03 -40.82 -3.89
CA ALA A 65 10.30 -40.27 -3.43
C ALA A 65 10.14 -38.88 -2.81
N GLN A 66 9.10 -38.14 -3.20
CA GLN A 66 8.89 -36.78 -2.70
C GLN A 66 7.76 -36.69 -1.70
N TRP A 67 7.30 -37.83 -1.16
CA TRP A 67 6.12 -37.80 -0.30
C TRP A 67 6.28 -36.82 0.86
N GLU A 68 7.44 -36.89 1.55
CA GLU A 68 7.60 -36.08 2.76
C GLU A 68 7.69 -34.58 2.45
N PRO A 69 8.53 -34.11 1.52
CA PRO A 69 8.44 -32.71 1.10
C PRO A 69 7.03 -32.30 0.71
N LEU A 70 6.35 -33.15 -0.07
CA LEU A 70 4.96 -32.89 -0.45
C LEU A 70 4.08 -32.73 0.78
N VAL A 71 4.10 -33.71 1.70
CA VAL A 71 3.24 -33.63 2.88
C VAL A 71 3.60 -32.41 3.71
N ALA A 72 4.89 -32.13 3.86
CA ALA A 72 5.34 -30.96 4.61
C ALA A 72 4.77 -29.67 4.01
N ARG A 73 5.38 -29.17 2.93
CA ARG A 73 5.05 -27.85 2.41
C ARG A 73 3.87 -27.85 1.42
N GLY A 74 3.31 -29.02 1.10
CA GLY A 74 2.07 -29.09 0.37
C GLY A 74 2.14 -28.86 -1.12
N SER A 75 3.32 -28.95 -1.74
CA SER A 75 3.51 -28.62 -3.14
C SER A 75 4.93 -29.00 -3.51
N VAL A 76 5.10 -29.64 -4.67
CA VAL A 76 6.42 -30.15 -5.02
C VAL A 76 6.46 -30.42 -6.53
N ARG A 77 7.66 -30.37 -7.09
CA ARG A 77 7.92 -30.65 -8.50
C ARG A 77 8.44 -32.09 -8.61
N VAL A 78 7.84 -32.89 -9.50
CA VAL A 78 8.28 -34.26 -9.71
C VAL A 78 8.44 -34.51 -11.20
N VAL A 79 9.47 -35.26 -11.56
CA VAL A 79 9.74 -35.61 -12.94
C VAL A 79 9.25 -37.03 -13.17
N LEU A 80 8.27 -37.16 -14.04
CA LEU A 80 7.68 -38.41 -14.46
C LEU A 80 8.02 -38.62 -15.93
N PRO A 81 7.87 -39.85 -16.43
CA PRO A 81 8.12 -40.06 -17.86
C PRO A 81 7.28 -39.14 -18.72
N ALA A 82 6.07 -38.78 -18.26
CA ALA A 82 5.22 -37.90 -19.04
C ALA A 82 5.75 -36.48 -19.12
N GLY A 83 6.70 -36.12 -18.26
CA GLY A 83 7.25 -34.79 -18.19
C GLY A 83 7.30 -34.32 -16.75
N ALA A 84 7.58 -33.03 -16.58
CA ALA A 84 7.70 -32.46 -15.25
C ALA A 84 6.33 -32.02 -14.75
N TYR A 85 5.99 -32.38 -13.50
CA TYR A 85 4.67 -32.11 -12.95
C TYR A 85 4.77 -31.47 -11.57
N ARG A 86 3.83 -30.60 -11.28
CA ARG A 86 3.69 -30.00 -9.96
C ARG A 86 2.68 -30.84 -9.20
N ALA A 87 3.08 -31.35 -8.04
CA ALA A 87 2.17 -32.09 -7.18
C ALA A 87 1.65 -31.13 -6.12
N LEU A 88 0.33 -31.11 -5.94
CA LEU A 88 -0.32 -30.22 -4.99
C LEU A 88 -1.20 -31.04 -4.07
N LEU A 89 -1.26 -30.64 -2.81
CA LEU A 89 -1.91 -31.45 -1.78
C LEU A 89 -2.85 -30.58 -0.97
N HIS A 90 -4.07 -31.06 -0.75
CA HIS A 90 -4.96 -30.37 0.18
C HIS A 90 -5.92 -31.39 0.77
N GLU A 91 -6.76 -30.92 1.68
CA GLU A 91 -7.70 -31.78 2.38
C GLU A 91 -9.10 -31.34 2.02
N SER A 92 -9.99 -32.31 1.83
CA SER A 92 -11.39 -32.02 1.58
C SER A 92 -12.20 -33.28 1.90
N ASP A 93 -13.33 -33.08 2.57
CA ASP A 93 -14.21 -34.16 3.05
C ASP A 93 -13.42 -35.27 3.76
N GLY A 94 -12.52 -34.88 4.65
CA GLY A 94 -11.75 -35.88 5.38
C GLY A 94 -10.86 -36.75 4.51
N LEU A 95 -10.72 -36.41 3.23
CA LEU A 95 -9.73 -37.05 2.39
C LEU A 95 -8.52 -36.15 2.23
N THR A 96 -7.37 -36.78 2.01
CA THR A 96 -6.21 -36.06 1.49
C THR A 96 -6.32 -36.08 -0.03
N VAL A 97 -6.30 -34.90 -0.64
CA VAL A 97 -6.48 -34.78 -2.08
C VAL A 97 -5.15 -34.44 -2.72
N LEU A 98 -4.76 -35.25 -3.71
CA LEU A 98 -3.51 -35.06 -4.43
C LEU A 98 -3.83 -34.71 -5.88
N GLU A 99 -3.39 -33.55 -6.34
CA GLU A 99 -3.57 -33.15 -7.71
C GLU A 99 -2.22 -33.04 -8.41
N LEU A 100 -2.15 -33.55 -9.64
CA LEU A 100 -0.97 -33.42 -10.48
C LEU A 100 -1.33 -32.60 -11.71
N GLU A 101 -0.42 -31.71 -12.11
CA GLU A 101 -0.60 -30.70 -13.14
C GLU A 101 0.76 -30.40 -13.77
N PRO A 102 0.82 -30.07 -15.05
CA PRO A 102 2.13 -29.81 -15.68
C PRO A 102 2.85 -28.65 -15.02
N ALA A 103 4.12 -28.86 -14.70
CA ALA A 103 4.94 -27.86 -14.02
C ALA A 103 5.36 -26.75 -14.98
N GLU A 104 5.79 -25.62 -14.39
CA GLU A 104 6.40 -24.54 -15.16
C GLU A 104 7.66 -25.04 -15.84
N LEU A 105 7.79 -24.70 -17.13
CA LEU A 105 8.95 -25.09 -17.95
C LEU A 105 9.96 -23.99 -18.20
N GLN A 106 9.61 -22.71 -18.01
CA GLN A 106 10.58 -21.62 -18.16
C GLN A 106 11.39 -21.47 -16.88
N PRO A 107 12.72 -21.64 -16.94
CA PRO A 107 13.49 -21.59 -15.69
C PRO A 107 13.59 -20.20 -15.12
N GLY A 108 13.51 -19.15 -15.94
CA GLY A 108 13.61 -17.79 -15.43
C GLY A 108 12.28 -17.13 -15.15
N MET A 109 11.23 -17.94 -14.92
CA MET A 109 9.90 -17.42 -14.63
C MET A 109 9.93 -16.45 -13.44
N GLU A 110 10.46 -16.90 -12.30
CA GLU A 110 10.44 -16.09 -11.08
C GLU A 110 11.23 -14.80 -11.25
N GLU A 111 12.40 -14.88 -11.89
CA GLU A 111 13.13 -13.66 -12.23
C GLU A 111 12.27 -12.72 -13.07
N THR A 112 11.58 -13.27 -14.07
CA THR A 112 10.68 -12.46 -14.87
C THR A 112 9.58 -11.84 -14.02
N ALA A 113 9.05 -12.57 -13.03
CA ALA A 113 7.96 -12.03 -12.22
C ALA A 113 8.45 -10.96 -11.25
N LEU A 114 9.69 -11.11 -10.75
CA LEU A 114 10.23 -10.09 -9.86
C LEU A 114 10.39 -8.76 -10.58
N GLU A 115 10.68 -8.78 -11.89
CA GLU A 115 10.77 -7.54 -12.66
C GLU A 115 9.42 -6.85 -12.76
N VAL A 116 8.33 -7.62 -12.91
CA VAL A 116 7.03 -6.96 -13.04
C VAL A 116 6.48 -6.59 -11.68
N VAL A 117 6.88 -7.31 -10.61
CA VAL A 117 6.60 -6.82 -9.26
C VAL A 117 7.22 -5.45 -9.05
N ARG A 118 8.46 -5.25 -9.54
CA ARG A 118 9.09 -3.92 -9.48
C ARG A 118 8.22 -2.87 -10.15
N ARG A 119 7.69 -3.18 -11.35
CA ARG A 119 6.89 -2.23 -12.10
C ARG A 119 5.67 -1.78 -11.32
N LEU A 120 5.06 -2.71 -10.59
CA LEU A 120 3.80 -2.46 -9.91
C LEU A 120 3.98 -1.95 -8.49
N VAL A 121 5.13 -2.20 -7.85
CA VAL A 121 5.35 -1.73 -6.48
C VAL A 121 6.11 -0.43 -6.46
N SER A 122 6.55 0.06 -7.60
CA SER A 122 7.33 1.28 -7.64
C SER A 122 6.60 2.39 -6.90
N PRO A 123 7.28 3.14 -6.03
CA PRO A 123 6.82 4.49 -5.75
C PRO A 123 6.70 5.20 -7.09
N LEU A 124 5.90 6.26 -7.18
CA LEU A 124 5.47 6.85 -8.46
C LEU A 124 4.49 5.94 -9.20
N ALA A 125 3.69 5.21 -8.45
CA ALA A 125 2.61 4.37 -8.99
C ALA A 125 1.30 5.05 -8.59
N GLY A 126 0.76 5.84 -9.51
CA GLY A 126 -0.45 6.59 -9.29
C GLY A 126 -0.38 7.86 -10.11
N VAL A 127 0.85 8.29 -10.41
CA VAL A 127 1.12 9.65 -10.87
C VAL A 127 0.60 9.92 -12.28
N LYS A 128 -0.43 9.14 -12.69
CA LYS A 128 -1.40 9.61 -13.69
C LYS A 128 -2.75 8.96 -13.45
N GLY A 129 -3.08 8.72 -12.18
CA GLY A 129 -4.40 8.27 -11.78
C GLY A 129 -4.40 6.89 -11.14
N THR A 130 -5.47 6.59 -10.41
CA THR A 130 -5.77 5.19 -10.16
C THR A 130 -6.05 4.48 -11.48
N GLN A 131 -6.44 5.23 -12.51
CA GLN A 131 -6.60 4.65 -13.84
C GLN A 131 -5.29 4.10 -14.38
N ALA A 132 -4.22 4.88 -14.28
CA ALA A 132 -2.94 4.38 -14.74
C ALA A 132 -2.49 3.16 -13.93
N LEU A 133 -2.98 3.03 -12.71
CA LEU A 133 -2.58 1.91 -11.86
C LEU A 133 -3.21 0.61 -12.33
N LEU A 134 -4.51 0.65 -12.64
CA LEU A 134 -5.17 -0.50 -13.22
C LEU A 134 -4.53 -0.91 -14.55
N GLN A 135 -4.23 0.07 -15.40
CA GLN A 135 -3.68 -0.23 -16.72
C GLN A 135 -2.38 -0.99 -16.61
N THR A 136 -1.51 -0.53 -15.71
CA THR A 136 -0.25 -1.20 -15.43
C THR A 136 -0.49 -2.61 -14.92
N ALA A 137 -1.49 -2.78 -14.06
CA ALA A 137 -1.78 -4.09 -13.52
C ALA A 137 -2.27 -5.04 -14.63
N ALA A 138 -3.06 -4.53 -15.56
CA ALA A 138 -3.44 -5.36 -16.70
C ALA A 138 -2.22 -5.72 -17.54
N ASP A 139 -1.41 -4.70 -17.90
CA ASP A 139 -0.25 -4.91 -18.77
C ASP A 139 0.73 -5.91 -18.18
N THR A 140 0.94 -5.89 -16.87
CA THR A 140 1.93 -6.78 -16.29
C THR A 140 1.38 -8.18 -16.07
N VAL A 141 0.11 -8.31 -15.73
CA VAL A 141 -0.45 -9.66 -15.68
C VAL A 141 -0.44 -10.25 -17.08
N ARG A 142 -0.67 -9.41 -18.10
CA ARG A 142 -0.67 -9.91 -19.46
C ARG A 142 0.73 -10.30 -19.92
N ALA A 143 1.74 -9.49 -19.54
CA ALA A 143 3.12 -9.81 -19.85
C ALA A 143 3.53 -11.14 -19.24
N LEU A 144 3.09 -11.41 -18.01
CA LEU A 144 3.54 -12.58 -17.28
C LEU A 144 2.79 -13.85 -17.66
N THR A 145 1.59 -13.73 -18.25
CA THR A 145 0.77 -14.88 -18.62
C THR A 145 0.76 -15.16 -20.13
N GLY A 146 0.79 -14.12 -20.96
CA GLY A 146 0.70 -14.31 -22.38
C GLY A 146 -0.70 -14.32 -22.95
N PHE A 147 -1.72 -14.09 -22.13
CA PHE A 147 -3.10 -14.10 -22.62
C PHE A 147 -3.35 -12.97 -23.60
N ASP A 148 -4.27 -13.23 -24.53
CA ASP A 148 -4.58 -12.24 -25.56
C ASP A 148 -5.16 -10.97 -24.95
N ARG A 149 -5.95 -11.11 -23.90
CA ARG A 149 -6.73 -10.00 -23.38
C ARG A 149 -6.78 -10.10 -21.88
N VAL A 150 -6.45 -9.00 -21.21
CA VAL A 150 -6.53 -8.92 -19.75
C VAL A 150 -7.37 -7.70 -19.44
N MET A 151 -8.35 -7.87 -18.57
CA MET A 151 -9.26 -6.79 -18.20
C MET A 151 -9.31 -6.66 -16.69
N VAL A 152 -9.41 -5.43 -16.21
CA VAL A 152 -9.72 -5.15 -14.82
C VAL A 152 -11.21 -4.88 -14.72
N TYR A 153 -11.89 -5.66 -13.89
CA TYR A 153 -13.33 -5.72 -13.80
C TYR A 153 -13.71 -5.38 -12.37
N ARG A 154 -14.44 -4.29 -12.17
CA ARG A 154 -14.84 -3.85 -10.84
C ARG A 154 -16.31 -4.12 -10.62
N PHE A 155 -16.64 -4.64 -9.45
CA PHE A 155 -18.04 -4.83 -9.07
C PHE A 155 -18.61 -3.51 -8.55
N ASP A 156 -19.77 -3.14 -9.08
CA ASP A 156 -20.56 -2.04 -8.53
C ASP A 156 -21.42 -2.56 -7.36
N ALA A 157 -22.17 -1.65 -6.74
CA ALA A 157 -22.82 -1.97 -5.48
C ALA A 157 -23.89 -3.03 -5.65
N ASP A 158 -24.56 -3.06 -6.81
CA ASP A 158 -25.54 -4.11 -7.08
C ASP A 158 -24.89 -5.40 -7.61
N TRP A 159 -23.56 -5.50 -7.63
CA TRP A 159 -22.77 -6.64 -8.11
C TRP A 159 -22.81 -6.85 -9.62
N HIS A 160 -23.41 -5.94 -10.38
CA HIS A 160 -23.01 -5.88 -11.78
C HIS A 160 -21.65 -5.19 -11.85
N GLY A 161 -20.93 -5.43 -12.94
CA GLY A 161 -19.58 -4.92 -13.06
C GLY A 161 -19.37 -4.18 -14.37
N GLU A 162 -18.21 -3.52 -14.44
CA GLU A 162 -17.76 -2.88 -15.67
C GLU A 162 -16.26 -3.06 -15.80
N VAL A 163 -15.79 -3.07 -17.06
CA VAL A 163 -14.36 -3.17 -17.34
C VAL A 163 -13.76 -1.78 -17.20
N LEU A 164 -12.93 -1.57 -16.17
CA LEU A 164 -12.25 -0.29 -15.98
C LEU A 164 -10.98 -0.17 -16.80
N ALA A 165 -10.32 -1.28 -17.14
CA ALA A 165 -9.03 -1.25 -17.80
C ALA A 165 -8.85 -2.52 -18.61
N GLU A 166 -7.92 -2.47 -19.57
CA GLU A 166 -7.80 -3.52 -20.55
C GLU A 166 -6.44 -3.48 -21.24
N SER A 167 -5.76 -4.61 -21.24
CA SER A 167 -4.51 -4.79 -21.97
C SER A 167 -4.72 -5.98 -22.90
N LYS A 168 -4.67 -5.74 -24.21
CA LYS A 168 -4.93 -6.78 -25.18
C LYS A 168 -3.93 -6.66 -26.32
N ARG A 169 -3.82 -7.71 -27.10
CA ARG A 169 -2.92 -7.68 -28.23
C ARG A 169 -3.52 -6.89 -29.39
N GLY A 170 -2.66 -6.56 -30.35
CA GLY A 170 -3.13 -5.84 -31.52
C GLY A 170 -4.26 -6.59 -32.21
N GLY A 171 -5.27 -5.84 -32.63
CA GLY A 171 -6.42 -6.44 -33.30
C GLY A 171 -7.18 -7.46 -32.47
N MET A 172 -7.63 -7.05 -31.29
CA MET A 172 -8.51 -7.84 -30.43
C MET A 172 -9.74 -7.01 -30.13
N ASP A 173 -10.91 -7.62 -30.24
CA ASP A 173 -12.12 -7.05 -29.67
C ASP A 173 -11.89 -6.67 -28.22
N GLY A 174 -12.28 -5.45 -27.84
CA GLY A 174 -12.17 -5.02 -26.48
C GLY A 174 -13.45 -5.27 -25.69
N PHE A 175 -13.41 -4.92 -24.41
CA PHE A 175 -14.62 -4.70 -23.62
C PHE A 175 -14.50 -3.49 -22.71
N LEU A 176 -13.42 -2.74 -22.79
CA LEU A 176 -13.22 -1.55 -21.98
C LEU A 176 -14.45 -0.66 -22.05
N GLY A 177 -14.99 -0.33 -20.90
CA GLY A 177 -16.08 0.61 -20.80
C GLY A 177 -17.45 -0.02 -20.71
N MET A 178 -17.56 -1.32 -20.92
CA MET A 178 -18.86 -1.95 -20.94
C MET A 178 -19.26 -2.46 -19.56
N HIS A 179 -20.56 -2.68 -19.42
CA HIS A 179 -21.17 -3.17 -18.19
C HIS A 179 -21.72 -4.56 -18.41
N PHE A 180 -21.62 -5.38 -17.37
CA PHE A 180 -22.10 -6.73 -17.49
C PHE A 180 -23.12 -7.03 -16.40
N PRO A 181 -24.20 -7.75 -16.72
CA PRO A 181 -25.16 -8.13 -15.69
C PRO A 181 -24.50 -8.86 -14.53
N ALA A 182 -25.06 -8.63 -13.34
CA ALA A 182 -24.66 -9.34 -12.13
C ALA A 182 -24.81 -10.85 -12.29
N THR A 183 -25.82 -11.31 -13.01
CA THR A 183 -26.02 -12.75 -13.13
C THR A 183 -24.89 -13.41 -13.92
N ASP A 184 -24.09 -12.60 -14.63
CA ASP A 184 -22.92 -13.14 -15.32
C ASP A 184 -21.97 -13.83 -14.36
N ILE A 185 -21.97 -13.42 -13.09
CA ILE A 185 -21.20 -14.08 -12.05
C ILE A 185 -22.13 -14.26 -10.86
N PRO A 186 -22.79 -15.40 -10.73
CA PRO A 186 -23.87 -15.53 -9.76
C PRO A 186 -23.35 -15.62 -8.33
N VAL A 187 -24.32 -15.61 -7.40
CA VAL A 187 -24.04 -15.37 -5.98
C VAL A 187 -23.05 -16.40 -5.43
N GLN A 188 -23.26 -17.68 -5.74
CA GLN A 188 -22.40 -18.71 -5.14
C GLN A 188 -21.01 -18.74 -5.77
N ALA A 189 -20.86 -18.17 -6.97
CA ALA A 189 -19.53 -18.04 -7.55
C ALA A 189 -18.74 -16.93 -6.86
N ARG A 190 -19.39 -15.78 -6.61
CA ARG A 190 -18.72 -14.73 -5.86
C ARG A 190 -18.26 -15.23 -4.49
N ALA A 191 -19.11 -15.99 -3.80
CA ALA A 191 -18.75 -16.57 -2.51
C ALA A 191 -17.50 -17.44 -2.63
N LEU A 192 -17.51 -18.41 -3.54
CA LEU A 192 -16.35 -19.28 -3.77
C LEU A 192 -15.11 -18.49 -4.19
N TYR A 193 -15.30 -17.48 -5.06
CA TYR A 193 -14.15 -16.67 -5.47
C TYR A 193 -13.61 -15.80 -4.34
N THR A 194 -14.37 -15.60 -3.27
CA THR A 194 -13.85 -14.83 -2.14
C THR A 194 -12.88 -15.66 -1.30
N ARG A 195 -13.08 -16.97 -1.21
CA ARG A 195 -12.13 -17.78 -0.44
C ARG A 195 -11.14 -18.56 -1.31
N ASN A 196 -11.36 -18.66 -2.62
CA ASN A 196 -10.43 -19.33 -3.53
C ASN A 196 -10.12 -18.35 -4.64
N PRO A 197 -9.05 -17.56 -4.51
CA PRO A 197 -8.89 -16.36 -5.35
C PRO A 197 -8.32 -16.60 -6.75
N LEU A 198 -8.00 -17.84 -7.17
CA LEU A 198 -7.49 -18.16 -8.51
C LEU A 198 -8.38 -19.18 -9.21
N ARG A 199 -8.47 -19.11 -10.53
CA ARG A 199 -9.08 -20.19 -11.28
C ARG A 199 -8.62 -20.14 -12.73
N LEU A 200 -8.27 -21.29 -13.28
CA LEU A 200 -7.87 -21.41 -14.68
C LEU A 200 -8.81 -22.38 -15.39
N ILE A 201 -9.32 -21.97 -16.54
CA ILE A 201 -10.03 -22.86 -17.44
C ILE A 201 -9.13 -22.99 -18.67
N ALA A 202 -8.37 -24.08 -18.76
CA ALA A 202 -7.30 -24.14 -19.77
C ALA A 202 -7.82 -24.42 -21.18
N ASP A 203 -9.03 -24.96 -21.34
CA ASP A 203 -9.57 -25.24 -22.68
C ASP A 203 -11.09 -25.25 -22.61
N ALA A 204 -11.71 -24.13 -23.01
CA ALA A 204 -13.17 -23.99 -22.91
C ALA A 204 -13.94 -25.03 -23.73
N ARG A 205 -13.29 -25.73 -24.67
CA ARG A 205 -13.96 -26.70 -25.52
C ARG A 205 -13.85 -28.12 -24.99
N ALA A 206 -13.01 -28.35 -23.98
CA ALA A 206 -12.74 -29.69 -23.50
C ALA A 206 -13.88 -30.21 -22.64
N ARG A 207 -14.21 -31.49 -22.82
CA ARG A 207 -15.13 -32.17 -21.91
C ARG A 207 -14.42 -32.45 -20.57
N PRO A 208 -15.16 -32.40 -19.47
CA PRO A 208 -14.56 -32.67 -18.16
C PRO A 208 -14.30 -34.15 -17.95
N VAL A 209 -13.40 -34.43 -17.02
CA VAL A 209 -13.03 -35.79 -16.67
C VAL A 209 -13.78 -36.14 -15.38
N PRO A 210 -14.61 -37.19 -15.37
CA PRO A 210 -15.37 -37.49 -14.16
C PRO A 210 -14.49 -38.16 -13.11
N LEU A 211 -15.00 -38.17 -11.87
CA LEU A 211 -14.36 -38.84 -10.74
C LEU A 211 -14.99 -40.21 -10.51
N LEU A 212 -14.16 -41.16 -10.07
CA LEU A 212 -14.63 -42.50 -9.74
C LEU A 212 -14.41 -42.76 -8.26
N PRO A 213 -15.45 -43.15 -7.50
CA PRO A 213 -16.85 -43.31 -7.91
C PRO A 213 -17.47 -41.92 -8.14
N PRO A 214 -18.70 -41.76 -8.62
CA PRO A 214 -19.24 -40.41 -8.76
C PRO A 214 -19.67 -39.78 -7.45
N VAL A 215 -19.66 -40.51 -6.34
CA VAL A 215 -19.84 -39.92 -5.03
C VAL A 215 -18.72 -40.39 -4.12
N VAL A 216 -18.47 -39.59 -3.08
CA VAL A 216 -17.72 -40.05 -1.92
C VAL A 216 -18.63 -41.01 -1.15
N PRO A 217 -18.26 -42.29 -1.03
CA PRO A 217 -19.21 -43.30 -0.53
C PRO A 217 -19.73 -43.01 0.87
N ALA A 218 -18.95 -42.30 1.69
CA ALA A 218 -19.46 -41.91 3.01
C ALA A 218 -20.57 -40.87 2.91
N LEU A 219 -20.41 -39.89 2.03
CA LEU A 219 -21.31 -38.75 2.01
C LEU A 219 -22.53 -38.94 1.09
N GLY A 220 -22.42 -39.71 0.01
CA GLY A 220 -23.53 -39.75 -0.93
C GLY A 220 -23.66 -38.54 -1.85
N ARG A 221 -22.60 -37.78 -2.02
CA ARG A 221 -22.53 -36.70 -2.99
C ARG A 221 -21.11 -36.66 -3.49
N PRO A 222 -20.85 -35.91 -4.56
CA PRO A 222 -19.47 -35.84 -5.07
C PRO A 222 -18.52 -35.19 -4.08
N LEU A 223 -17.23 -35.44 -4.29
CA LEU A 223 -16.15 -34.77 -3.57
C LEU A 223 -16.24 -33.25 -3.69
N ASP A 224 -15.97 -32.54 -2.59
CA ASP A 224 -15.96 -31.08 -2.62
C ASP A 224 -14.68 -30.61 -3.31
N LEU A 225 -14.83 -29.89 -4.42
CA LEU A 225 -13.68 -29.41 -5.19
C LEU A 225 -13.44 -27.91 -4.98
N SER A 226 -13.93 -27.36 -3.87
CA SER A 226 -13.79 -25.92 -3.61
C SER A 226 -12.35 -25.46 -3.78
N ASN A 227 -11.40 -26.18 -3.22
CA ASN A 227 -10.00 -25.79 -3.24
C ASN A 227 -9.20 -26.53 -4.31
N SER A 228 -9.88 -27.21 -5.21
CA SER A 228 -9.17 -27.99 -6.21
C SER A 228 -8.72 -27.08 -7.34
N ALA A 229 -7.42 -27.13 -7.65
CA ALA A 229 -6.88 -26.37 -8.78
C ALA A 229 -7.39 -26.89 -10.13
N LEU A 230 -7.90 -28.11 -10.20
CA LEU A 230 -8.28 -28.72 -11.47
C LEU A 230 -9.78 -28.71 -11.70
N ARG A 231 -10.58 -28.27 -10.72
CA ARG A 231 -12.04 -28.28 -10.82
C ARG A 231 -12.50 -27.82 -12.20
N SER A 232 -13.36 -28.61 -12.80
CA SER A 232 -14.06 -28.20 -14.01
C SER A 232 -15.21 -27.27 -13.64
N VAL A 233 -15.40 -26.20 -14.43
CA VAL A 233 -16.32 -25.13 -14.06
C VAL A 233 -17.72 -25.43 -14.58
N SER A 234 -18.68 -24.60 -14.18
CA SER A 234 -20.07 -24.80 -14.54
C SER A 234 -20.24 -24.86 -16.06
N PRO A 235 -21.01 -25.82 -16.58
CA PRO A 235 -21.26 -25.88 -18.03
C PRO A 235 -21.87 -24.61 -18.59
N VAL A 236 -22.66 -23.88 -17.79
CA VAL A 236 -23.25 -22.66 -18.31
C VAL A 236 -22.17 -21.63 -18.60
N HIS A 237 -21.10 -21.64 -17.80
CA HIS A 237 -20.01 -20.71 -18.04
C HIS A 237 -19.18 -21.13 -19.25
N LEU A 238 -18.88 -22.43 -19.39
CA LEU A 238 -18.11 -22.84 -20.57
C LEU A 238 -18.82 -22.41 -21.83
N GLU A 239 -20.15 -22.51 -21.82
CA GLU A 239 -20.98 -22.05 -22.93
C GLU A 239 -20.90 -20.54 -23.13
N TYR A 240 -20.95 -19.80 -22.02
CA TYR A 240 -20.73 -18.35 -22.03
C TYR A 240 -19.41 -18.01 -22.69
N LEU A 241 -18.34 -18.70 -22.31
CA LEU A 241 -17.05 -18.43 -22.91
C LEU A 241 -17.07 -18.72 -24.41
N ARG A 242 -17.63 -19.85 -24.83
CA ARG A 242 -17.60 -20.18 -26.25
C ARG A 242 -18.40 -19.16 -27.04
N ASN A 243 -19.57 -18.77 -26.54
CA ASN A 243 -20.31 -17.68 -27.14
C ASN A 243 -19.51 -16.39 -27.18
N MET A 244 -18.59 -16.20 -26.25
CA MET A 244 -17.73 -15.03 -26.27
C MET A 244 -16.56 -15.17 -27.24
N GLY A 245 -16.35 -16.36 -27.79
CA GLY A 245 -15.22 -16.58 -28.69
C GLY A 245 -13.87 -16.84 -28.02
N VAL A 246 -13.85 -17.38 -26.79
CA VAL A 246 -12.61 -17.57 -26.05
C VAL A 246 -12.33 -19.05 -25.80
N GLY A 247 -11.06 -19.44 -25.94
CA GLY A 247 -10.65 -20.83 -25.75
C GLY A 247 -10.00 -21.20 -24.43
N ALA A 248 -9.53 -20.19 -23.71
CA ALA A 248 -8.97 -20.35 -22.38
C ALA A 248 -9.29 -19.09 -21.58
N SER A 249 -9.47 -19.26 -20.28
CA SER A 249 -9.84 -18.17 -19.39
C SER A 249 -9.15 -18.38 -18.05
N PHE A 250 -8.75 -17.27 -17.43
CA PHE A 250 -8.02 -17.31 -16.16
C PHE A 250 -8.35 -16.02 -15.44
N SER A 251 -8.78 -16.12 -14.19
CA SER A 251 -9.16 -14.91 -13.47
C SER A 251 -8.71 -14.99 -12.02
N LEU A 252 -8.45 -13.83 -11.45
CA LEU A 252 -7.96 -13.70 -10.09
C LEU A 252 -8.86 -12.73 -9.34
N SER A 253 -9.14 -13.05 -8.09
CA SER A 253 -10.00 -12.21 -7.26
C SER A 253 -9.21 -11.04 -6.73
N LEU A 254 -9.81 -9.87 -6.81
CA LEU A 254 -9.22 -8.65 -6.28
C LEU A 254 -9.93 -8.39 -4.97
N LEU A 255 -9.29 -8.80 -3.88
CA LEU A 255 -9.85 -8.65 -2.53
C LEU A 255 -9.26 -7.40 -1.90
N LYS A 256 -10.11 -6.46 -1.53
CA LYS A 256 -9.64 -5.21 -0.94
C LYS A 256 -10.30 -5.03 0.42
N GLU A 257 -9.47 -5.05 1.47
CA GLU A 257 -9.93 -4.91 2.85
C GLU A 257 -11.06 -5.90 3.12
N GLY A 258 -10.80 -7.16 2.81
CA GLY A 258 -11.70 -8.25 3.08
C GLY A 258 -12.77 -8.51 2.03
N VAL A 259 -13.18 -7.50 1.25
CA VAL A 259 -14.34 -7.63 0.37
C VAL A 259 -13.89 -7.94 -1.05
N LEU A 260 -14.77 -8.60 -1.81
CA LEU A 260 -14.49 -8.90 -3.22
C LEU A 260 -14.78 -7.64 -4.01
N TRP A 261 -13.70 -6.94 -4.40
CA TRP A 261 -13.78 -5.67 -5.08
C TRP A 261 -14.00 -5.83 -6.57
N GLY A 262 -13.45 -6.90 -7.15
CA GLY A 262 -13.50 -7.09 -8.59
C GLY A 262 -12.60 -8.23 -9.02
N LEU A 263 -12.34 -8.30 -10.32
CA LEU A 263 -11.56 -9.39 -10.87
C LEU A 263 -10.56 -8.85 -11.88
N ILE A 264 -9.44 -9.56 -12.00
CA ILE A 264 -8.63 -9.52 -13.19
C ILE A 264 -9.02 -10.75 -14.00
N ALA A 265 -9.64 -10.53 -15.14
CA ALA A 265 -10.14 -11.58 -16.01
C ALA A 265 -9.27 -11.65 -17.26
N CYS A 266 -8.75 -12.84 -17.57
CA CYS A 266 -7.93 -13.05 -18.76
C CYS A 266 -8.61 -14.03 -19.69
N HIS A 267 -8.51 -13.73 -20.99
CA HIS A 267 -9.08 -14.50 -22.07
C HIS A 267 -7.98 -14.82 -23.06
N HIS A 268 -8.01 -16.02 -23.61
CA HIS A 268 -7.09 -16.41 -24.66
C HIS A 268 -7.90 -17.03 -25.79
N LEU A 269 -7.52 -16.73 -27.03
CA LEU A 269 -8.26 -17.27 -28.16
C LEU A 269 -8.01 -18.76 -28.36
N GLU A 270 -6.82 -19.25 -28.04
CA GLU A 270 -6.52 -20.68 -28.06
C GLU A 270 -6.64 -21.28 -26.68
N PRO A 271 -6.65 -22.61 -26.55
CA PRO A 271 -6.39 -23.20 -25.22
C PRO A 271 -4.98 -22.85 -24.77
N LEU A 272 -4.79 -22.76 -23.46
CA LEU A 272 -3.51 -22.36 -22.90
C LEU A 272 -3.50 -22.74 -21.43
N HIS A 273 -2.36 -23.25 -20.96
CA HIS A 273 -2.20 -23.64 -19.57
C HIS A 273 -1.11 -22.78 -18.92
N ILE A 274 -1.40 -22.25 -17.73
CA ILE A 274 -0.45 -21.53 -16.91
C ILE A 274 -0.05 -22.47 -15.80
N SER A 275 1.24 -22.49 -15.46
CA SER A 275 1.61 -23.41 -14.40
C SER A 275 1.09 -22.86 -13.09
N HIS A 276 1.06 -23.74 -12.08
CA HIS A 276 0.65 -23.32 -10.75
C HIS A 276 1.55 -22.21 -10.21
N GLU A 277 2.89 -22.38 -10.33
CA GLU A 277 3.80 -21.37 -9.78
C GLU A 277 3.65 -20.03 -10.49
N ARG A 278 3.38 -20.05 -11.80
CA ARG A 278 3.13 -18.80 -12.52
C ARG A 278 1.78 -18.20 -12.13
N ARG A 279 0.78 -19.03 -11.83
CA ARG A 279 -0.47 -18.51 -11.28
C ARG A 279 -0.24 -17.82 -9.94
N ARG A 280 0.58 -18.44 -9.07
CA ARG A 280 0.88 -17.83 -7.78
C ARG A 280 1.69 -16.55 -7.95
N ALA A 281 2.43 -16.43 -9.07
CA ALA A 281 3.14 -15.19 -9.32
C ALA A 281 2.16 -14.07 -9.58
N CYS A 282 1.19 -14.30 -10.48
CA CYS A 282 0.16 -13.29 -10.73
C CYS A 282 -0.59 -12.93 -9.46
N GLU A 283 -0.86 -13.90 -8.59
CA GLU A 283 -1.56 -13.58 -7.34
C GLU A 283 -0.81 -12.52 -6.54
N VAL A 284 0.52 -12.56 -6.58
CA VAL A 284 1.33 -11.51 -5.96
C VAL A 284 1.03 -10.15 -6.58
N LEU A 285 0.75 -10.12 -7.89
CA LEU A 285 0.45 -8.83 -8.51
C LEU A 285 -0.92 -8.31 -8.05
N THR A 286 -1.91 -9.19 -7.95
CA THR A 286 -3.23 -8.71 -7.56
C THR A 286 -3.22 -8.19 -6.13
N GLN A 287 -2.58 -8.91 -5.21
CA GLN A 287 -2.47 -8.40 -3.84
C GLN A 287 -1.68 -7.09 -3.80
N LEU A 288 -0.73 -6.92 -4.73
CA LEU A 288 -0.01 -5.67 -4.83
C LEU A 288 -0.92 -4.53 -5.28
N LEU A 289 -1.74 -4.79 -6.32
CA LEU A 289 -2.67 -3.78 -6.82
C LEU A 289 -3.66 -3.39 -5.75
N ALA A 290 -4.18 -4.38 -5.02
CA ALA A 290 -5.10 -4.09 -3.92
C ALA A 290 -4.45 -3.16 -2.92
N LEU A 291 -3.18 -3.42 -2.59
CA LEU A 291 -2.46 -2.57 -1.65
C LEU A 291 -2.36 -1.14 -2.17
N GLN A 292 -1.96 -0.97 -3.44
CA GLN A 292 -1.84 0.36 -4.01
C GLN A 292 -3.18 1.09 -4.08
N LEU A 293 -4.29 0.36 -4.30
CA LEU A 293 -5.57 1.02 -4.44
C LEU A 293 -6.05 1.56 -3.09
N SER A 294 -5.81 0.79 -2.03
CA SER A 294 -6.22 1.23 -0.69
C SER A 294 -5.48 2.49 -0.29
N ALA A 295 -4.18 2.54 -0.58
CA ALA A 295 -3.35 3.67 -0.17
C ALA A 295 -3.72 4.92 -0.95
N GLU A 296 -3.83 4.79 -2.28
CA GLU A 296 -4.19 5.93 -3.11
C GLU A 296 -5.58 6.43 -2.75
N GLU A 297 -6.53 5.52 -2.67
CA GLU A 297 -7.90 5.88 -2.30
C GLU A 297 -7.94 6.55 -0.94
N ARG A 298 -7.22 6.02 0.04
CA ARG A 298 -7.23 6.67 1.34
C ARG A 298 -6.54 8.02 1.29
N ALA A 299 -5.56 8.19 0.40
CA ALA A 299 -4.98 9.52 0.20
C ALA A 299 -6.00 10.49 -0.40
N ALA A 300 -6.70 10.06 -1.46
CA ALA A 300 -7.75 10.88 -2.07
C ALA A 300 -8.77 11.33 -1.03
N GLU A 301 -9.21 10.39 -0.20
CA GLU A 301 -10.19 10.69 0.84
C GLU A 301 -9.67 11.74 1.80
N ALA A 302 -8.43 11.59 2.26
CA ALA A 302 -7.83 12.58 3.16
C ALA A 302 -7.76 13.95 2.50
N SER A 303 -7.33 14.01 1.24
CA SER A 303 -7.29 15.29 0.52
C SER A 303 -8.68 15.92 0.45
N GLU A 304 -9.71 15.11 0.23
CA GLU A 304 -11.07 15.66 0.17
C GLU A 304 -11.45 16.28 1.50
N ASP A 305 -11.23 15.53 2.58
CA ASP A 305 -11.51 16.05 3.90
C ASP A 305 -10.85 17.41 4.09
N ALA A 306 -9.56 17.50 3.71
CA ALA A 306 -8.81 18.73 3.97
C ALA A 306 -9.45 19.93 3.27
N HIS A 307 -9.79 19.76 1.99
N HIS A 307 -9.85 19.77 2.01
CA HIS A 307 -10.49 20.83 1.26
CA HIS A 307 -10.46 20.92 1.36
C HIS A 307 -11.79 21.22 1.97
C HIS A 307 -11.85 21.23 1.90
N ARG A 308 -12.56 20.22 2.39
CA ARG A 308 -13.84 20.50 3.05
C ARG A 308 -13.61 21.23 4.35
N ALA A 309 -12.64 20.75 5.14
CA ALA A 309 -12.33 21.34 6.44
C ALA A 309 -11.90 22.79 6.28
N ALA A 310 -11.17 23.08 5.22
CA ALA A 310 -10.81 24.46 4.93
C ALA A 310 -12.06 25.32 4.68
N LEU A 311 -13.05 24.78 3.96
CA LEU A 311 -14.31 25.51 3.77
C LEU A 311 -14.99 25.77 5.11
N LEU A 312 -15.11 24.74 5.96
CA LEU A 312 -15.69 24.97 7.28
C LEU A 312 -14.91 26.02 8.05
N GLY A 313 -13.57 25.94 7.96
CA GLY A 313 -12.74 26.91 8.67
C GLY A 313 -12.95 28.31 8.16
N GLN A 314 -13.06 28.47 6.83
CA GLN A 314 -13.33 29.80 6.29
C GLN A 314 -14.75 30.27 6.63
N LEU A 315 -15.72 29.36 6.71
CA LEU A 315 -17.05 29.76 7.16
C LEU A 315 -17.01 30.29 8.59
N ALA A 316 -16.41 29.54 9.51
CA ALA A 316 -16.42 29.92 10.93
C ALA A 316 -15.80 31.31 11.14
N THR A 317 -14.75 31.64 10.38
CA THR A 317 -14.19 33.00 10.43
C THR A 317 -15.20 34.06 10.00
N ALA A 318 -16.07 33.73 9.03
CA ALA A 318 -17.06 34.70 8.59
C ALA A 318 -18.13 34.89 9.65
N MET A 319 -18.37 33.85 10.44
CA MET A 319 -19.09 34.02 11.69
C MET A 319 -18.16 34.64 12.73
N GLY A 320 -18.75 35.15 13.80
CA GLY A 320 -17.98 35.90 14.76
C GLY A 320 -17.33 37.10 14.10
N GLU A 321 -17.77 37.40 12.88
CA GLU A 321 -17.39 38.62 12.17
C GLU A 321 -18.52 39.61 12.38
N GLY A 322 -18.87 40.36 11.33
CA GLY A 322 -20.03 41.22 11.41
C GLY A 322 -21.31 40.48 11.09
N GLY A 323 -22.43 41.10 11.48
CA GLY A 323 -23.72 40.74 10.94
C GLY A 323 -24.44 39.60 11.63
N THR A 324 -25.50 39.16 10.94
CA THR A 324 -26.38 38.08 11.35
C THR A 324 -26.07 36.83 10.53
N LEU A 325 -26.79 35.76 10.84
CA LEU A 325 -26.69 34.49 10.11
C LEU A 325 -26.89 34.72 8.62
N GLU A 326 -28.12 35.08 8.24
CA GLU A 326 -28.50 35.26 6.85
C GLU A 326 -27.62 36.28 6.14
N GLU A 327 -27.00 37.19 6.89
CA GLU A 327 -26.03 38.11 6.30
C GLU A 327 -24.83 37.34 5.75
N VAL A 328 -24.13 36.60 6.62
CA VAL A 328 -22.92 35.94 6.16
C VAL A 328 -23.25 34.78 5.22
N LEU A 329 -24.44 34.18 5.37
CA LEU A 329 -24.85 33.17 4.40
C LEU A 329 -25.04 33.77 3.01
N GLU A 330 -25.37 35.06 2.93
CA GLU A 330 -25.47 35.69 1.63
C GLU A 330 -24.10 35.76 0.95
N LYS A 331 -23.09 36.30 1.64
CA LYS A 331 -21.75 36.35 1.05
C LYS A 331 -21.19 34.95 0.83
N GLU A 332 -21.34 34.08 1.82
CA GLU A 332 -20.68 32.79 1.78
C GLU A 332 -21.48 31.74 1.02
N SER A 333 -22.32 32.17 0.07
CA SER A 333 -23.16 31.26 -0.69
C SER A 333 -22.33 30.16 -1.31
N GLU A 334 -21.33 30.54 -2.11
CA GLU A 334 -20.56 29.55 -2.83
C GLU A 334 -19.83 28.60 -1.89
N ARG A 335 -19.40 29.06 -0.73
CA ARG A 335 -18.76 28.14 0.21
C ARG A 335 -19.78 27.16 0.79
N VAL A 336 -20.95 27.66 1.17
CA VAL A 336 -21.97 26.76 1.72
C VAL A 336 -22.40 25.74 0.68
N LEU A 337 -22.46 26.14 -0.59
CA LEU A 337 -22.83 25.20 -1.64
C LEU A 337 -21.71 24.20 -1.89
N ALA A 338 -20.46 24.68 -1.94
CA ALA A 338 -19.30 23.82 -2.20
C ALA A 338 -19.02 22.83 -1.07
N LEU A 339 -19.54 23.09 0.14
CA LEU A 339 -19.33 22.17 1.25
C LEU A 339 -19.69 20.74 0.88
N THR A 340 -20.73 20.57 0.06
CA THR A 340 -21.25 19.27 -0.32
C THR A 340 -21.35 19.11 -1.82
N GLY A 341 -20.69 19.98 -2.57
CA GLY A 341 -20.68 19.88 -4.02
C GLY A 341 -22.06 20.05 -4.59
N ALA A 342 -22.77 21.12 -4.20
CA ALA A 342 -24.20 21.26 -4.37
C ALA A 342 -24.55 22.48 -5.20
N ALA A 343 -25.73 22.42 -5.84
CA ALA A 343 -26.20 23.48 -6.72
C ALA A 343 -27.17 24.43 -6.02
N GLY A 344 -27.62 24.10 -4.83
CA GLY A 344 -28.51 24.96 -4.07
C GLY A 344 -28.58 24.48 -2.65
N VAL A 345 -29.10 25.35 -1.78
CA VAL A 345 -29.31 24.94 -0.40
C VAL A 345 -30.49 25.70 0.16
N ALA A 346 -31.32 25.00 0.92
CA ALA A 346 -32.41 25.60 1.67
C ALA A 346 -32.08 25.52 3.16
N LEU A 347 -32.30 26.62 3.87
CA LEU A 347 -32.05 26.70 5.30
C LEU A 347 -33.36 26.95 6.03
N LEU A 348 -33.78 25.97 6.84
CA LEU A 348 -34.96 26.06 7.68
C LEU A 348 -34.52 26.46 9.09
N LEU A 349 -34.31 27.77 9.28
CA LEU A 349 -33.87 28.28 10.56
C LEU A 349 -35.02 28.68 11.48
N GLY A 350 -36.26 28.52 11.04
CA GLY A 350 -37.42 28.83 11.85
C GLY A 350 -38.39 29.74 11.15
N GLU A 351 -37.85 30.74 10.43
CA GLU A 351 -38.72 31.66 9.71
C GLU A 351 -39.22 30.99 8.43
N GLU A 352 -39.49 31.76 7.40
CA GLU A 352 -39.62 31.21 6.08
C GLU A 352 -38.29 30.55 5.67
N PRO A 353 -38.32 29.62 4.71
CA PRO A 353 -37.06 29.02 4.26
C PRO A 353 -36.14 30.04 3.60
N LEU A 354 -34.84 29.81 3.74
CA LEU A 354 -33.81 30.65 3.13
C LEU A 354 -33.22 29.84 1.97
N LEU A 355 -33.44 30.31 0.74
CA LEU A 355 -33.14 29.56 -0.47
C LEU A 355 -31.94 30.20 -1.16
N VAL A 356 -30.86 29.43 -1.29
CA VAL A 356 -29.59 29.91 -1.82
C VAL A 356 -29.24 29.07 -3.04
N GLY A 357 -28.76 29.74 -4.09
CA GLY A 357 -28.43 29.04 -5.28
C GLY A 357 -29.66 28.53 -6.00
N CYS A 358 -29.50 27.39 -6.65
CA CYS A 358 -30.52 26.85 -7.54
C CYS A 358 -31.41 25.89 -6.76
N THR A 359 -32.55 26.38 -6.33
CA THR A 359 -33.44 25.63 -5.48
C THR A 359 -34.78 25.43 -6.19
N PRO A 360 -35.61 24.45 -5.75
CA PRO A 360 -37.02 24.47 -6.15
C PRO A 360 -37.77 25.58 -5.44
N ALA A 361 -39.04 25.77 -5.82
CA ALA A 361 -39.80 26.91 -5.35
C ALA A 361 -40.08 26.78 -3.88
N GLN A 362 -40.32 27.93 -3.24
CA GLN A 362 -40.52 27.96 -1.80
C GLN A 362 -41.59 26.97 -1.35
N ASP A 363 -42.80 27.06 -1.94
CA ASP A 363 -43.87 26.14 -1.55
C ASP A 363 -43.42 24.68 -1.65
N GLU A 364 -42.58 24.38 -2.63
CA GLU A 364 -42.11 23.01 -2.81
C GLU A 364 -41.12 22.61 -1.72
N VAL A 365 -40.23 23.51 -1.32
CA VAL A 365 -39.33 23.25 -0.19
C VAL A 365 -40.13 22.95 1.08
N GLU A 366 -41.17 23.75 1.33
CA GLU A 366 -41.97 23.56 2.53
C GLU A 366 -42.71 22.22 2.49
N ALA A 367 -43.16 21.80 1.30
CA ALA A 367 -43.75 20.47 1.19
C ALA A 367 -42.70 19.42 1.53
N LEU A 368 -41.56 19.49 0.85
CA LEU A 368 -40.47 18.55 1.13
C LEU A 368 -40.09 18.56 2.61
N VAL A 369 -39.98 19.76 3.21
CA VAL A 369 -39.67 19.84 4.63
C VAL A 369 -40.68 19.09 5.46
N ALA A 370 -41.97 19.42 5.30
CA ALA A 370 -43.01 18.78 6.11
C ALA A 370 -42.96 17.26 5.98
N TRP A 371 -42.52 16.75 4.82
CA TRP A 371 -42.38 15.31 4.63
C TRP A 371 -41.09 14.77 5.26
N LEU A 372 -39.96 15.47 5.07
CA LEU A 372 -38.75 15.07 5.77
C LEU A 372 -38.97 15.04 7.27
N ALA A 373 -39.77 15.98 7.79
CA ALA A 373 -40.04 16.09 9.23
C ALA A 373 -40.60 14.80 9.85
N THR A 374 -41.19 13.92 9.05
CA THR A 374 -41.73 12.66 9.55
C THR A 374 -40.73 11.51 9.46
N GLN A 375 -39.80 11.58 8.50
CA GLN A 375 -38.98 10.43 8.12
C GLN A 375 -38.12 9.95 9.29
N PRO A 376 -37.63 8.70 9.22
CA PRO A 376 -36.96 8.11 10.39
C PRO A 376 -35.44 8.24 10.37
N PHE A 377 -34.93 9.45 10.19
CA PHE A 377 -33.49 9.61 10.21
C PHE A 377 -33.07 10.42 11.42
N GLN A 378 -31.82 10.21 11.81
CA GLN A 378 -31.30 10.65 13.10
C GLN A 378 -30.81 12.09 13.01
N THR A 379 -29.70 12.30 12.29
CA THR A 379 -29.18 13.64 12.01
C THR A 379 -29.13 13.98 10.52
N SER A 380 -28.73 13.03 9.68
CA SER A 380 -28.57 13.25 8.25
C SER A 380 -29.50 12.34 7.46
N PHE A 381 -29.82 12.79 6.26
CA PHE A 381 -30.54 11.99 5.29
C PHE A 381 -30.00 12.32 3.91
N HIS A 382 -29.91 11.34 3.02
CA HIS A 382 -29.48 11.62 1.66
C HIS A 382 -30.05 10.59 0.69
N THR A 383 -30.17 11.01 -0.57
CA THR A 383 -30.47 10.10 -1.66
C THR A 383 -29.97 10.74 -2.95
N ASP A 384 -29.88 9.93 -4.00
CA ASP A 384 -29.53 10.43 -5.32
C ASP A 384 -30.64 10.25 -6.35
N ARG A 385 -31.78 9.70 -5.98
CA ARG A 385 -32.98 9.74 -6.83
C ARG A 385 -34.13 10.12 -5.89
N LEU A 386 -34.23 11.41 -5.59
CA LEU A 386 -35.29 11.89 -4.72
C LEU A 386 -36.67 11.47 -5.20
N GLY A 387 -36.88 11.46 -6.53
CA GLY A 387 -38.20 11.23 -7.06
C GLY A 387 -38.78 9.86 -6.72
N THR A 388 -37.92 8.84 -6.63
CA THR A 388 -38.40 7.50 -6.29
C THR A 388 -38.91 7.44 -4.85
N VAL A 389 -38.36 8.25 -3.95
CA VAL A 389 -38.81 8.25 -2.57
C VAL A 389 -39.82 9.36 -2.30
N TYR A 390 -39.92 10.36 -3.18
CA TYR A 390 -40.76 11.54 -2.93
C TYR A 390 -41.23 12.08 -4.27
N PRO A 391 -42.33 11.55 -4.80
CA PRO A 391 -42.73 11.85 -6.19
C PRO A 391 -43.32 13.24 -6.39
N PRO A 392 -43.66 14.01 -5.35
CA PRO A 392 -43.93 15.44 -5.62
C PRO A 392 -42.80 16.16 -6.37
N LEU A 393 -41.54 15.81 -6.14
CA LEU A 393 -40.43 16.45 -6.86
C LEU A 393 -39.89 15.61 -8.00
N ALA A 394 -40.54 14.50 -8.34
CA ALA A 394 -40.00 13.63 -9.38
C ALA A 394 -39.88 14.35 -10.73
N ALA A 395 -40.69 15.38 -10.96
CA ALA A 395 -40.58 16.15 -12.20
C ALA A 395 -39.37 17.07 -12.19
N ARG A 396 -38.84 17.37 -11.00
CA ARG A 396 -37.84 18.41 -10.82
C ARG A 396 -36.44 17.82 -10.75
N ALA A 397 -36.14 16.86 -11.61
CA ALA A 397 -34.77 16.35 -11.65
C ALA A 397 -33.78 17.38 -12.21
N ASP A 398 -34.26 18.56 -12.64
CA ASP A 398 -33.36 19.62 -13.07
C ASP A 398 -32.75 20.38 -11.89
N VAL A 399 -33.35 20.32 -10.69
CA VAL A 399 -32.78 21.04 -9.56
C VAL A 399 -32.76 20.18 -8.30
N ALA A 400 -33.40 19.02 -8.31
CA ALA A 400 -33.64 18.30 -7.07
C ALA A 400 -33.72 16.79 -7.29
N ALA A 401 -32.78 16.22 -8.04
CA ALA A 401 -32.73 14.77 -8.13
C ALA A 401 -32.04 14.18 -6.91
N GLY A 402 -31.11 14.92 -6.34
CA GLY A 402 -30.38 14.48 -5.16
C GLY A 402 -30.55 15.49 -4.05
N ILE A 403 -30.65 14.99 -2.83
CA ILE A 403 -30.73 15.87 -1.67
C ILE A 403 -29.88 15.29 -0.56
N LEU A 404 -29.38 16.19 0.29
CA LEU A 404 -28.65 15.85 1.50
C LEU A 404 -29.15 16.82 2.55
N ALA A 405 -29.90 16.30 3.52
CA ALA A 405 -30.46 17.08 4.60
C ALA A 405 -29.84 16.64 5.92
N VAL A 406 -29.39 17.62 6.71
CA VAL A 406 -29.03 17.43 8.11
C VAL A 406 -30.08 18.14 8.95
N ARG A 407 -30.32 17.61 10.16
CA ARG A 407 -31.27 18.18 11.10
C ARG A 407 -30.53 19.05 12.10
N LEU A 408 -30.79 20.36 12.08
CA LEU A 408 -30.15 21.30 13.01
C LEU A 408 -30.79 21.30 14.38
N ALA A 409 -31.42 20.21 14.80
CA ALA A 409 -32.33 20.27 15.94
C ALA A 409 -32.51 18.91 16.61
N PRO A 410 -33.30 18.84 17.67
CA PRO A 410 -33.73 17.53 18.17
C PRO A 410 -35.14 17.21 17.69
N ALA A 411 -36.09 17.20 18.62
CA ALA A 411 -37.50 17.04 18.27
C ALA A 411 -38.04 18.33 17.66
N ALA A 412 -37.35 18.86 16.65
CA ALA A 412 -37.77 20.07 15.96
C ALA A 412 -37.51 19.90 14.46
N ALA A 413 -38.06 20.83 13.69
CA ALA A 413 -37.91 20.85 12.24
C ALA A 413 -37.04 22.05 11.88
N ARG A 414 -35.73 21.88 12.05
CA ARG A 414 -34.75 22.86 11.62
C ARG A 414 -33.70 22.14 10.77
N PHE A 415 -33.70 22.41 9.46
CA PHE A 415 -32.86 21.66 8.53
C PHE A 415 -31.99 22.57 7.68
N ALA A 416 -30.91 21.99 7.19
CA ALA A 416 -30.18 22.48 6.03
C ALA A 416 -30.25 21.38 4.98
N ILE A 417 -30.88 21.67 3.85
CA ILE A 417 -31.02 20.73 2.76
C ILE A 417 -30.23 21.24 1.56
N TRP A 418 -29.30 20.41 1.08
CA TRP A 418 -28.56 20.68 -0.14
C TRP A 418 -29.18 19.93 -1.31
N PHE A 419 -29.18 20.55 -2.48
CA PHE A 419 -29.83 20.01 -3.67
C PHE A 419 -28.80 19.75 -4.76
N ARG A 420 -29.02 18.69 -5.54
CA ARG A 420 -28.23 18.40 -6.72
C ARG A 420 -29.14 18.11 -7.91
N PRO A 421 -28.78 18.59 -9.10
CA PRO A 421 -29.50 18.21 -10.31
C PRO A 421 -29.13 16.80 -10.77
N GLU A 422 -29.93 16.26 -11.67
CA GLU A 422 -29.60 14.97 -12.29
C GLU A 422 -28.31 15.11 -13.10
N VAL A 423 -27.58 14.01 -13.23
CA VAL A 423 -26.44 13.92 -14.14
C VAL A 423 -26.71 12.75 -15.06
N ALA A 424 -26.99 13.03 -16.32
CA ALA A 424 -27.30 11.96 -17.26
C ALA A 424 -26.04 11.15 -17.58
N ARG A 425 -26.18 9.82 -17.59
CA ARG A 425 -25.10 8.85 -17.82
C ARG A 425 -25.46 7.92 -18.96
N THR A 426 -24.51 7.60 -19.83
CA THR A 426 -24.76 6.61 -20.87
C THR A 426 -24.02 5.32 -20.52
N ILE A 427 -24.74 4.35 -19.98
CA ILE A 427 -24.19 3.02 -19.80
C ILE A 427 -24.15 2.29 -21.13
N SER A 428 -23.04 1.61 -21.40
CA SER A 428 -22.94 0.71 -22.53
C SER A 428 -22.85 -0.72 -22.00
N TRP A 429 -23.88 -1.52 -22.26
CA TRP A 429 -23.91 -2.91 -21.84
C TRP A 429 -23.40 -3.83 -22.94
N ALA A 430 -22.73 -4.91 -22.53
CA ALA A 430 -22.34 -6.01 -23.41
C ALA A 430 -23.55 -6.93 -23.59
N GLY A 431 -24.35 -6.64 -24.60
CA GLY A 431 -25.60 -7.35 -24.80
C GLY A 431 -26.74 -6.71 -24.02
N ASN A 432 -27.96 -7.11 -24.40
CA ASN A 432 -29.18 -6.52 -23.89
C ASN A 432 -29.38 -6.90 -22.43
N PRO A 433 -29.34 -5.96 -21.49
CA PRO A 433 -29.42 -6.31 -20.07
C PRO A 433 -30.79 -6.82 -19.67
N ARG A 434 -31.80 -6.60 -20.50
CA ARG A 434 -33.13 -7.06 -20.19
C ARG A 434 -33.32 -8.55 -20.46
N LYS A 435 -32.44 -9.14 -21.29
CA LYS A 435 -32.41 -10.58 -21.53
C LYS A 435 -31.01 -11.10 -21.22
N PRO A 436 -30.66 -11.25 -19.94
CA PRO A 436 -29.28 -11.63 -19.59
C PRO A 436 -29.01 -13.12 -19.69
N ALA A 437 -30.02 -13.94 -20.02
CA ALA A 437 -29.86 -15.36 -20.24
C ALA A 437 -30.98 -15.81 -21.16
N GLU A 438 -30.72 -16.86 -21.96
CA GLU A 438 -31.74 -17.43 -22.82
C GLU A 438 -32.22 -18.76 -22.27
N PRO A 439 -33.39 -18.82 -21.65
CA PRO A 439 -33.88 -20.10 -21.13
C PRO A 439 -34.60 -20.90 -22.21
N GLU A 440 -34.57 -22.23 -22.05
CA GLU A 440 -35.35 -23.07 -22.95
C GLU A 440 -36.80 -23.11 -22.47
N PRO A 441 -37.73 -23.50 -23.34
CA PRO A 441 -39.13 -23.59 -22.90
C PRO A 441 -39.25 -24.52 -21.72
N GLY A 442 -40.09 -24.14 -20.75
CA GLY A 442 -40.21 -24.84 -19.50
C GLY A 442 -39.31 -24.31 -18.40
N HIS A 443 -38.24 -23.57 -18.77
CA HIS A 443 -37.34 -22.90 -17.82
C HIS A 443 -36.69 -23.90 -16.87
N GLN A 444 -36.24 -25.04 -17.42
CA GLN A 444 -35.35 -25.95 -16.71
C GLN A 444 -33.89 -25.75 -17.10
N ARG A 445 -33.61 -25.51 -18.38
CA ARG A 445 -32.25 -25.42 -18.89
C ARG A 445 -31.98 -24.00 -19.33
N LEU A 446 -30.88 -23.44 -18.83
CA LEU A 446 -30.50 -22.06 -19.07
C LEU A 446 -29.26 -22.03 -19.96
N HIS A 447 -29.13 -20.92 -20.69
CA HIS A 447 -27.98 -20.71 -21.56
C HIS A 447 -27.56 -19.25 -21.47
N PRO A 448 -26.27 -18.97 -21.60
CA PRO A 448 -25.83 -17.57 -21.70
C PRO A 448 -26.54 -16.87 -22.83
N ARG A 449 -26.57 -15.53 -22.75
CA ARG A 449 -27.04 -14.78 -23.90
C ARG A 449 -26.12 -15.03 -25.10
N GLY A 450 -26.65 -14.77 -26.29
CA GLY A 450 -25.93 -15.04 -27.52
C GLY A 450 -24.94 -13.97 -27.95
N SER A 451 -25.27 -12.69 -27.75
CA SER A 451 -24.41 -11.62 -28.21
C SER A 451 -24.01 -10.71 -27.06
N PHE A 452 -22.80 -10.18 -27.18
CA PHE A 452 -22.26 -9.21 -26.26
C PHE A 452 -22.06 -7.88 -26.95
N GLN A 453 -22.88 -7.59 -27.96
CA GLN A 453 -22.73 -6.35 -28.69
C GLN A 453 -23.22 -5.18 -27.86
N ALA A 454 -22.51 -4.04 -27.98
CA ALA A 454 -22.81 -2.86 -27.18
C ALA A 454 -24.28 -2.49 -27.26
N TRP A 455 -24.83 -2.13 -26.12
CA TRP A 455 -26.27 -1.90 -26.00
C TRP A 455 -26.44 -0.79 -24.97
N GLU A 456 -26.83 0.39 -25.44
CA GLU A 456 -26.74 1.60 -24.63
C GLU A 456 -28.03 1.88 -23.88
N GLU A 457 -27.87 2.43 -22.69
CA GLU A 457 -28.98 3.04 -21.96
C GLU A 457 -28.46 4.29 -21.27
N THR A 458 -29.32 5.27 -21.16
CA THR A 458 -28.99 6.51 -20.47
C THR A 458 -29.76 6.57 -19.16
N VAL A 459 -29.08 6.97 -18.09
CA VAL A 459 -29.66 6.97 -16.77
C VAL A 459 -30.04 8.40 -16.43
N ARG A 460 -31.33 8.65 -16.29
CA ARG A 460 -31.87 9.95 -15.97
C ARG A 460 -32.25 9.99 -14.49
N ASP A 461 -32.55 11.20 -14.01
CA ASP A 461 -33.15 11.46 -12.71
C ASP A 461 -32.29 11.05 -11.54
N THR A 462 -31.00 10.80 -11.74
CA THR A 462 -30.10 10.44 -10.67
C THR A 462 -29.00 11.50 -10.57
N SER A 463 -28.78 12.01 -9.36
CA SER A 463 -27.69 12.93 -9.12
C SER A 463 -26.38 12.18 -9.02
N LEU A 464 -25.28 12.92 -9.03
CA LEU A 464 -24.03 12.34 -8.55
C LEU A 464 -24.23 11.87 -7.12
N PRO A 465 -23.62 10.75 -6.74
CA PRO A 465 -23.82 10.20 -5.40
C PRO A 465 -23.12 11.05 -4.35
N TRP A 466 -23.66 10.94 -3.14
CA TRP A 466 -23.12 11.64 -1.98
C TRP A 466 -21.94 10.85 -1.40
N LYS A 467 -20.78 11.48 -1.34
CA LYS A 467 -19.58 10.82 -0.86
C LYS A 467 -19.39 11.07 0.63
N ARG A 468 -18.42 10.33 1.21
CA ARG A 468 -18.15 10.48 2.64
C ARG A 468 -17.79 11.91 2.96
N ALA A 469 -17.02 12.57 2.09
CA ALA A 469 -16.61 13.92 2.38
C ALA A 469 -17.79 14.89 2.37
N ASP A 470 -18.72 14.73 1.42
CA ASP A 470 -19.96 15.50 1.49
C ASP A 470 -20.62 15.29 2.83
N LEU A 471 -20.84 14.03 3.20
CA LEU A 471 -21.49 13.70 4.46
C LEU A 471 -20.75 14.33 5.63
N GLY A 472 -19.44 14.18 5.67
CA GLY A 472 -18.68 14.76 6.74
C GLY A 472 -18.83 16.26 6.81
N ALA A 473 -18.81 16.92 5.64
CA ALA A 473 -18.92 18.38 5.63
C ALA A 473 -20.28 18.83 6.13
N ALA A 474 -21.32 18.06 5.83
CA ALA A 474 -22.64 18.43 6.30
C ALA A 474 -22.73 18.28 7.81
N GLU A 475 -22.31 17.14 8.34
CA GLU A 475 -22.27 16.96 9.79
C GLU A 475 -21.56 18.13 10.45
N GLY A 476 -20.47 18.59 9.84
CA GLY A 476 -19.70 19.67 10.45
C GLY A 476 -20.31 21.03 10.26
N PHE A 477 -21.05 21.24 9.16
CA PHE A 477 -21.83 22.47 9.00
C PHE A 477 -22.91 22.56 10.08
N ARG A 478 -23.56 21.43 10.38
CA ARG A 478 -24.40 21.31 11.56
C ARG A 478 -23.65 21.63 12.85
N GLY A 479 -22.32 21.72 12.80
CA GLY A 479 -21.56 22.20 13.94
C GLY A 479 -22.01 23.58 14.41
N ALA A 480 -22.27 24.49 13.47
CA ALA A 480 -22.97 25.78 13.70
C ALA A 480 -23.95 25.80 14.87
N LEU A 481 -25.25 25.53 14.61
CA LEU A 481 -26.26 25.43 15.65
C LEU A 481 -26.60 26.79 16.28
N VAL A 482 -27.77 27.33 15.95
CA VAL A 482 -28.28 28.68 16.30
C VAL A 482 -27.37 29.53 17.18
N ASP B 1 24.97 23.13 13.18
CA ASP B 1 26.39 23.47 13.02
C ASP B 1 27.01 22.57 11.95
N LEU B 2 27.37 23.15 10.80
CA LEU B 2 28.00 22.40 9.71
C LEU B 2 29.33 21.81 10.19
N SER B 3 29.21 20.68 10.90
CA SER B 3 30.24 19.82 11.43
C SER B 3 31.36 19.55 10.43
N GLN B 4 32.52 19.15 10.95
CA GLN B 4 33.50 18.49 10.10
C GLN B 4 32.84 17.34 9.34
N CYS B 5 32.03 16.56 10.05
CA CYS B 5 31.37 15.39 9.48
C CYS B 5 30.63 15.72 8.18
N ASP B 6 29.85 16.81 8.18
CA ASP B 6 29.00 17.12 7.04
C ASP B 6 29.80 17.53 5.80
N ARG B 7 31.06 17.90 5.94
CA ARG B 7 31.77 18.44 4.80
C ARG B 7 32.55 17.40 4.00
N GLU B 8 32.60 16.13 4.44
CA GLU B 8 33.39 15.14 3.68
C GLU B 8 32.74 14.84 2.33
N PRO B 9 33.44 15.03 1.20
CA PRO B 9 32.83 14.72 -0.09
C PRO B 9 32.94 13.24 -0.42
N ILE B 10 31.98 12.45 0.10
CA ILE B 10 32.04 10.99 0.04
C ILE B 10 31.73 10.41 -1.34
N HIS B 11 31.40 11.25 -2.32
CA HIS B 11 31.34 10.80 -3.70
C HIS B 11 32.65 11.03 -4.46
N LEU B 12 33.62 11.69 -3.83
CA LEU B 12 34.84 12.14 -4.47
C LEU B 12 36.06 11.60 -3.77
N LEU B 13 35.98 10.37 -3.28
CA LEU B 13 37.05 9.75 -2.52
C LEU B 13 38.01 8.94 -3.38
N GLY B 14 37.70 8.77 -4.67
CA GLY B 14 38.66 8.16 -5.56
C GLY B 14 38.94 6.69 -5.39
N GLY B 15 38.14 5.93 -4.62
CA GLY B 15 38.42 4.53 -4.41
C GLY B 15 37.20 3.65 -4.56
N ILE B 16 37.45 2.36 -4.85
CA ILE B 16 36.42 1.34 -4.98
C ILE B 16 36.79 0.13 -4.12
N GLN B 17 35.80 -0.74 -3.90
CA GLN B 17 36.00 -1.93 -3.10
C GLN B 17 36.68 -3.01 -3.93
N SER B 18 37.45 -3.85 -3.25
CA SER B 18 38.37 -4.75 -3.95
C SER B 18 37.65 -5.89 -4.66
N HIS B 19 36.38 -6.13 -4.38
CA HIS B 19 35.70 -7.26 -5.00
C HIS B 19 35.19 -6.97 -6.39
N GLY B 20 35.48 -5.81 -6.97
CA GLY B 20 35.01 -5.49 -8.31
C GLY B 20 35.99 -4.63 -9.07
N VAL B 21 35.65 -4.33 -10.32
CA VAL B 21 36.50 -3.52 -11.19
C VAL B 21 35.62 -2.43 -11.79
N LEU B 22 36.18 -1.23 -11.94
CA LEU B 22 35.46 -0.11 -12.55
C LEU B 22 36.22 0.39 -13.77
N LEU B 23 35.49 0.74 -14.83
CA LEU B 23 36.05 1.26 -16.06
C LEU B 23 35.21 2.43 -16.56
N ALA B 24 35.87 3.50 -17.00
CA ALA B 24 35.17 4.68 -17.50
C ALA B 24 35.70 5.03 -18.87
N PHE B 25 34.77 5.20 -19.83
CA PHE B 25 35.07 5.54 -21.22
C PHE B 25 34.41 6.87 -21.57
N ARG B 26 35.06 7.61 -22.48
CA ARG B 26 34.50 8.83 -23.03
C ARG B 26 34.51 8.79 -24.55
N GLY B 27 33.50 9.42 -25.14
CA GLY B 27 33.53 9.73 -26.55
C GLY B 27 33.13 8.62 -27.48
N PRO B 28 33.08 8.91 -28.79
CA PRO B 28 32.56 7.95 -29.74
C PRO B 28 33.42 6.72 -29.89
N ASP B 29 34.72 6.86 -29.71
CA ASP B 29 35.60 5.69 -29.75
C ASP B 29 35.50 4.89 -28.47
N ARG B 30 34.88 5.44 -27.43
CA ARG B 30 34.79 4.80 -26.12
C ARG B 30 36.19 4.45 -25.60
N LEU B 31 36.99 5.49 -25.44
CA LEU B 31 38.37 5.33 -25.00
C LEU B 31 38.42 5.20 -23.49
N LEU B 32 39.19 4.24 -23.01
CA LEU B 32 39.38 4.06 -21.59
C LEU B 32 40.00 5.32 -20.98
N GLU B 33 39.26 5.95 -20.08
CA GLU B 33 39.68 7.19 -19.45
C GLU B 33 40.01 7.03 -17.97
N VAL B 34 39.23 6.26 -17.22
CA VAL B 34 39.54 5.93 -15.82
C VAL B 34 39.41 4.42 -15.65
N VAL B 35 40.27 3.85 -14.81
CA VAL B 35 40.21 2.42 -14.53
C VAL B 35 40.80 2.17 -13.15
N SER B 36 40.13 1.31 -12.36
CA SER B 36 40.62 0.96 -11.03
C SER B 36 41.97 0.25 -11.14
N ALA B 37 42.76 0.34 -10.05
CA ALA B 37 44.14 -0.14 -10.09
C ALA B 37 44.22 -1.66 -10.04
N ASN B 38 43.16 -2.33 -9.60
CA ASN B 38 43.06 -3.78 -9.54
C ASN B 38 42.57 -4.41 -10.84
N ALA B 39 42.49 -3.64 -11.92
CA ALA B 39 41.87 -4.13 -13.15
C ALA B 39 42.61 -5.28 -13.81
N GLN B 40 43.88 -5.48 -13.50
CA GLN B 40 44.60 -6.53 -14.21
C GLN B 40 43.99 -7.89 -13.95
N ALA B 41 43.45 -8.12 -12.76
CA ALA B 41 42.95 -9.44 -12.39
C ALA B 41 41.76 -9.87 -13.22
N LEU B 42 41.12 -8.96 -13.95
CA LEU B 42 40.06 -9.33 -14.88
C LEU B 42 40.37 -8.97 -16.31
N LEU B 43 41.21 -7.96 -16.55
CA LEU B 43 41.46 -7.53 -17.91
C LEU B 43 42.63 -8.25 -18.55
N GLY B 44 43.56 -8.76 -17.74
CA GLY B 44 44.68 -9.50 -18.27
C GLY B 44 45.95 -8.70 -18.39
N ARG B 45 45.85 -7.50 -18.96
CA ARG B 45 46.95 -6.54 -19.10
C ARG B 45 46.94 -5.58 -17.92
N PRO B 46 48.08 -4.98 -17.57
CA PRO B 46 48.10 -4.08 -16.41
C PRO B 46 47.38 -2.78 -16.71
N PRO B 47 46.71 -2.20 -15.70
CA PRO B 47 45.84 -1.03 -15.97
C PRO B 47 46.48 0.12 -16.76
N GLU B 48 47.68 0.57 -16.38
CA GLU B 48 48.28 1.73 -17.04
C GLU B 48 48.42 1.53 -18.55
N THR B 49 48.79 0.32 -18.97
CA THR B 49 48.90 0.03 -20.39
C THR B 49 47.57 0.18 -21.14
N LEU B 50 46.45 0.29 -20.44
CA LEU B 50 45.17 0.33 -21.15
C LEU B 50 44.50 1.70 -21.17
N LEU B 51 45.05 2.71 -20.47
CA LEU B 51 44.52 4.07 -20.59
C LEU B 51 44.68 4.60 -22.01
N GLY B 52 43.62 5.24 -22.52
CA GLY B 52 43.55 5.71 -23.91
C GLY B 52 43.22 4.65 -24.94
N GLN B 53 42.98 3.38 -24.53
CA GLN B 53 42.73 2.40 -25.57
C GLN B 53 41.24 2.33 -25.91
N PRO B 54 40.88 2.03 -27.16
CA PRO B 54 39.46 1.84 -27.49
C PRO B 54 38.89 0.62 -26.78
N VAL B 55 37.59 0.72 -26.45
CA VAL B 55 36.93 -0.29 -25.61
C VAL B 55 37.07 -1.67 -26.23
N GLY B 56 36.98 -1.76 -27.55
CA GLY B 56 37.13 -3.02 -28.25
C GLY B 56 38.52 -3.63 -28.14
N ARG B 57 39.46 -2.92 -27.53
CA ARG B 57 40.81 -3.45 -27.33
C ARG B 57 41.20 -3.43 -25.86
N VAL B 58 40.21 -3.51 -24.98
CA VAL B 58 40.47 -3.43 -23.56
C VAL B 58 39.52 -4.44 -22.90
N LEU B 59 38.30 -4.59 -23.48
CA LEU B 59 37.35 -5.49 -22.86
C LEU B 59 37.35 -6.85 -23.56
N PRO B 60 37.06 -7.92 -22.83
CA PRO B 60 36.95 -9.23 -23.46
C PRO B 60 35.70 -9.31 -24.32
N ALA B 61 35.73 -10.25 -25.29
CA ALA B 61 34.62 -10.37 -26.22
C ALA B 61 33.30 -10.61 -25.50
N GLU B 62 33.33 -11.40 -24.41
CA GLU B 62 32.13 -11.72 -23.64
C GLU B 62 31.39 -10.47 -23.20
N VAL B 63 32.11 -9.43 -22.78
CA VAL B 63 31.43 -8.23 -22.33
C VAL B 63 30.91 -7.43 -23.52
N LEU B 64 31.79 -7.17 -24.50
CA LEU B 64 31.37 -6.38 -25.66
C LEU B 64 30.15 -7.00 -26.32
N ALA B 65 30.09 -8.34 -26.38
CA ALA B 65 28.95 -9.01 -26.99
C ALA B 65 27.62 -8.60 -26.36
N GLN B 66 27.64 -8.19 -25.09
CA GLN B 66 26.41 -7.85 -24.40
C GLN B 66 26.14 -6.35 -24.37
N TRP B 67 26.86 -5.58 -25.18
CA TRP B 67 26.89 -4.13 -25.01
C TRP B 67 25.52 -3.48 -25.14
N GLU B 68 24.66 -4.02 -25.99
CA GLU B 68 23.41 -3.34 -26.33
C GLU B 68 22.38 -3.52 -25.22
N PRO B 69 22.10 -4.74 -24.74
CA PRO B 69 21.25 -4.84 -23.55
C PRO B 69 21.92 -4.23 -22.32
N LEU B 70 23.25 -4.24 -22.27
CA LEU B 70 23.93 -3.49 -21.23
C LEU B 70 23.56 -2.02 -21.31
N VAL B 71 23.63 -1.43 -22.50
CA VAL B 71 23.22 -0.02 -22.65
C VAL B 71 21.72 0.14 -22.44
N ALA B 72 20.93 -0.78 -22.98
CA ALA B 72 19.49 -0.67 -22.85
C ALA B 72 19.05 -0.94 -21.42
N ARG B 73 19.43 -2.10 -20.87
CA ARG B 73 18.93 -2.51 -19.57
C ARG B 73 19.77 -1.95 -18.43
N GLY B 74 20.99 -1.51 -18.69
CA GLY B 74 21.83 -1.03 -17.62
C GLY B 74 22.56 -2.10 -16.83
N SER B 75 22.18 -3.38 -16.98
CA SER B 75 22.99 -4.43 -16.36
C SER B 75 22.76 -5.75 -17.09
N VAL B 76 23.83 -6.57 -17.16
CA VAL B 76 23.75 -7.91 -17.73
C VAL B 76 24.69 -8.83 -16.99
N ARG B 77 24.40 -10.12 -17.03
CA ARG B 77 25.28 -11.16 -16.53
C ARG B 77 26.21 -11.64 -17.64
N VAL B 78 27.50 -11.81 -17.32
CA VAL B 78 28.45 -12.29 -18.31
C VAL B 78 29.35 -13.35 -17.68
N VAL B 79 29.66 -14.39 -18.45
CA VAL B 79 30.58 -15.43 -17.99
C VAL B 79 31.95 -15.14 -18.59
N LEU B 80 32.84 -14.74 -17.74
CA LEU B 80 34.27 -14.62 -17.99
C LEU B 80 34.95 -15.89 -17.51
N PRO B 81 36.17 -16.18 -18.00
CA PRO B 81 36.86 -17.38 -17.51
C PRO B 81 37.02 -17.38 -16.02
N ALA B 82 37.17 -16.20 -15.43
CA ALA B 82 37.29 -16.04 -13.98
C ALA B 82 35.99 -16.32 -13.23
N GLY B 83 34.87 -16.46 -13.93
CA GLY B 83 33.61 -16.78 -13.27
C GLY B 83 32.48 -15.88 -13.72
N ALA B 84 31.34 -16.06 -13.09
CA ALA B 84 30.16 -15.30 -13.49
C ALA B 84 30.17 -13.92 -12.83
N TYR B 85 29.99 -12.88 -13.64
CA TYR B 85 30.01 -11.50 -13.21
C TYR B 85 28.77 -10.76 -13.66
N ARG B 86 28.34 -9.81 -12.84
CA ARG B 86 27.32 -8.85 -13.22
C ARG B 86 28.03 -7.60 -13.71
N ALA B 87 27.62 -7.10 -14.87
CA ALA B 87 28.13 -5.84 -15.43
C ALA B 87 27.06 -4.76 -15.29
N LEU B 88 27.43 -3.61 -14.73
CA LEU B 88 26.51 -2.52 -14.46
C LEU B 88 26.98 -1.27 -15.17
N LEU B 89 26.07 -0.60 -15.86
CA LEU B 89 26.44 0.56 -16.67
C LEU B 89 25.70 1.81 -16.19
N HIS B 90 26.43 2.93 -16.09
CA HIS B 90 25.77 4.21 -15.82
C HIS B 90 26.65 5.35 -16.32
N GLU B 91 26.07 6.56 -16.32
CA GLU B 91 26.75 7.77 -16.80
C GLU B 91 27.12 8.67 -15.63
N SER B 92 28.28 9.33 -15.74
CA SER B 92 28.80 10.16 -14.66
C SER B 92 29.96 11.00 -15.19
N ASP B 93 29.83 12.32 -15.10
CA ASP B 93 30.84 13.26 -15.60
C ASP B 93 31.04 13.13 -17.10
N GLY B 94 29.95 12.85 -17.82
CA GLY B 94 30.09 12.63 -19.25
C GLY B 94 31.01 11.50 -19.64
N LEU B 95 31.25 10.54 -18.74
CA LEU B 95 31.87 9.26 -19.07
C LEU B 95 30.83 8.14 -18.99
N THR B 96 31.05 7.07 -19.74
CA THR B 96 30.28 5.84 -19.57
C THR B 96 31.01 4.96 -18.56
N VAL B 97 30.37 4.71 -17.42
CA VAL B 97 30.98 3.98 -16.32
C VAL B 97 30.46 2.55 -16.33
N LEU B 98 31.38 1.59 -16.34
CA LEU B 98 31.07 0.17 -16.34
C LEU B 98 31.68 -0.45 -15.10
N GLU B 99 30.86 -1.09 -14.28
CA GLU B 99 31.36 -1.80 -13.10
C GLU B 99 31.11 -3.30 -13.26
N LEU B 100 32.07 -4.11 -12.82
CA LEU B 100 31.93 -5.56 -12.82
C LEU B 100 32.11 -6.08 -11.41
N GLU B 101 31.18 -6.91 -10.96
CA GLU B 101 31.26 -7.51 -9.64
C GLU B 101 30.69 -8.92 -9.70
N PRO B 102 31.18 -9.85 -8.87
CA PRO B 102 30.75 -11.24 -8.96
C PRO B 102 29.23 -11.36 -9.00
N ALA B 103 28.74 -12.21 -9.91
CA ALA B 103 27.32 -12.40 -10.14
C ALA B 103 26.71 -13.31 -9.10
N GLU B 104 25.37 -13.25 -8.99
CA GLU B 104 24.66 -14.17 -8.12
C GLU B 104 24.89 -15.60 -8.57
N LEU B 105 25.19 -16.49 -7.61
CA LEU B 105 25.46 -17.89 -7.93
C LEU B 105 24.30 -18.83 -7.61
N GLN B 106 23.41 -18.48 -6.70
CA GLN B 106 22.29 -19.36 -6.34
C GLN B 106 21.24 -19.36 -7.45
N PRO B 107 20.98 -20.49 -8.11
CA PRO B 107 20.01 -20.47 -9.21
C PRO B 107 18.60 -20.10 -8.75
N GLY B 108 18.19 -20.49 -7.55
CA GLY B 108 16.84 -20.21 -7.09
C GLY B 108 16.68 -18.96 -6.25
N MET B 109 17.61 -18.01 -6.37
CA MET B 109 17.51 -16.78 -5.59
C MET B 109 16.19 -16.07 -5.84
N GLU B 110 15.83 -15.88 -7.11
CA GLU B 110 14.59 -15.18 -7.42
C GLU B 110 13.37 -15.93 -6.90
N GLU B 111 13.37 -17.25 -7.01
CA GLU B 111 12.26 -18.05 -6.48
C GLU B 111 12.12 -17.85 -4.98
N THR B 112 13.24 -17.85 -4.25
CA THR B 112 13.20 -17.58 -2.82
C THR B 112 12.75 -16.15 -2.55
N ALA B 113 13.20 -15.19 -3.36
CA ALA B 113 12.81 -13.80 -3.14
C ALA B 113 11.31 -13.59 -3.39
N LEU B 114 10.71 -14.34 -4.32
CA LEU B 114 9.27 -14.24 -4.50
C LEU B 114 8.50 -14.76 -3.29
N GLU B 115 9.04 -15.76 -2.58
CA GLU B 115 8.36 -16.26 -1.39
C GLU B 115 8.29 -15.19 -0.32
N VAL B 116 9.39 -14.47 -0.09
CA VAL B 116 9.38 -13.46 0.98
C VAL B 116 8.54 -12.26 0.59
N VAL B 117 8.47 -11.94 -0.71
CA VAL B 117 7.55 -10.88 -1.13
C VAL B 117 6.12 -11.23 -0.75
N ARG B 118 5.77 -12.53 -0.86
CA ARG B 118 4.45 -12.99 -0.48
C ARG B 118 4.20 -12.81 1.01
N ARG B 119 5.23 -13.05 1.84
CA ARG B 119 5.05 -12.85 3.28
C ARG B 119 4.75 -11.41 3.61
N LEU B 120 5.30 -10.48 2.82
CA LEU B 120 5.22 -9.08 3.15
C LEU B 120 4.00 -8.38 2.54
N VAL B 121 3.37 -8.96 1.52
CA VAL B 121 2.06 -8.47 1.09
C VAL B 121 0.98 -9.22 1.90
N SER B 122 1.00 -10.56 1.82
CA SER B 122 0.08 -11.44 2.55
C SER B 122 -1.38 -11.08 2.27
N PRO B 123 -2.35 -11.71 2.95
CA PRO B 123 -3.65 -11.04 3.11
C PRO B 123 -3.49 -9.63 3.69
N LEU B 124 -3.43 -9.52 5.02
CA LEU B 124 -3.11 -8.25 5.68
C LEU B 124 -2.00 -8.51 6.68
N ALA B 125 -0.83 -7.96 6.41
CA ALA B 125 0.23 -7.89 7.39
C ALA B 125 -0.07 -6.75 8.39
N GLY B 126 0.81 -6.59 9.37
CA GLY B 126 0.64 -5.54 10.36
C GLY B 126 -0.68 -5.58 11.09
N VAL B 127 -1.27 -6.78 11.24
CA VAL B 127 -2.54 -6.90 11.94
C VAL B 127 -2.37 -6.66 13.44
N LYS B 128 -1.23 -7.04 14.01
CA LYS B 128 -0.93 -6.72 15.42
C LYS B 128 0.12 -5.60 15.49
N GLY B 129 -0.28 -4.49 14.87
CA GLY B 129 0.45 -3.25 14.93
C GLY B 129 1.41 -3.09 13.76
N THR B 130 1.88 -1.86 13.57
CA THR B 130 2.99 -1.64 12.67
C THR B 130 4.27 -2.26 13.23
N GLN B 131 4.27 -2.62 14.51
CA GLN B 131 5.40 -3.32 15.09
C GLN B 131 5.58 -4.70 14.48
N ALA B 132 4.47 -5.37 14.18
CA ALA B 132 4.59 -6.66 13.51
C ALA B 132 5.07 -6.49 12.08
N LEU B 133 4.72 -5.37 11.44
CA LEU B 133 5.10 -5.13 10.06
C LEU B 133 6.61 -4.93 9.93
N LEU B 134 7.20 -4.10 10.82
CA LEU B 134 8.65 -3.86 10.79
C LEU B 134 9.42 -5.14 11.08
N GLN B 135 9.03 -5.86 12.13
CA GLN B 135 9.67 -7.12 12.48
C GLN B 135 9.67 -8.11 11.32
N THR B 136 8.54 -8.24 10.64
CA THR B 136 8.45 -9.12 9.48
C THR B 136 9.40 -8.65 8.38
N ALA B 137 9.47 -7.33 8.15
CA ALA B 137 10.38 -6.82 7.13
C ALA B 137 11.84 -7.06 7.53
N ALA B 138 12.15 -6.96 8.82
CA ALA B 138 13.50 -7.30 9.27
C ALA B 138 13.79 -8.79 9.05
N ASP B 139 12.84 -9.65 9.42
CA ASP B 139 13.03 -11.09 9.30
C ASP B 139 13.22 -11.51 7.86
N THR B 140 12.48 -10.89 6.94
CA THR B 140 12.60 -11.30 5.54
C THR B 140 13.91 -10.82 4.93
N VAL B 141 14.33 -9.58 5.22
CA VAL B 141 15.62 -9.14 4.69
C VAL B 141 16.73 -10.03 5.22
N ARG B 142 16.62 -10.45 6.48
CA ARG B 142 17.66 -11.31 7.02
C ARG B 142 17.64 -12.69 6.38
N ALA B 143 16.43 -13.24 6.15
CA ALA B 143 16.32 -14.57 5.57
C ALA B 143 16.87 -14.59 4.14
N LEU B 144 16.81 -13.46 3.46
CA LEU B 144 17.18 -13.34 2.06
C LEU B 144 18.64 -12.96 1.83
N THR B 145 19.27 -12.25 2.79
CA THR B 145 20.67 -11.85 2.66
C THR B 145 21.62 -12.67 3.52
N GLY B 146 21.12 -13.32 4.58
CA GLY B 146 21.99 -14.08 5.44
C GLY B 146 22.78 -13.28 6.45
N PHE B 147 22.49 -11.99 6.62
CA PHE B 147 23.25 -11.15 7.54
C PHE B 147 22.96 -11.52 9.00
N ASP B 148 23.99 -11.37 9.84
CA ASP B 148 23.87 -11.71 11.25
C ASP B 148 22.88 -10.81 11.97
N ARG B 149 22.71 -9.58 11.51
CA ARG B 149 21.82 -8.67 12.23
C ARG B 149 21.21 -7.70 11.24
N VAL B 150 19.90 -7.55 11.33
CA VAL B 150 19.14 -6.64 10.49
C VAL B 150 18.29 -5.79 11.41
N MET B 151 18.33 -4.47 11.22
CA MET B 151 17.62 -3.54 12.10
C MET B 151 16.85 -2.51 11.30
N VAL B 152 15.67 -2.15 11.80
CA VAL B 152 14.84 -1.12 11.20
C VAL B 152 15.12 0.18 11.96
N TYR B 153 15.64 1.16 11.25
CA TYR B 153 16.12 2.41 11.81
C TYR B 153 15.21 3.52 11.29
N ARG B 154 14.63 4.31 12.21
CA ARG B 154 13.75 5.40 11.86
C ARG B 154 14.36 6.73 12.28
N PHE B 155 14.34 7.69 11.37
CA PHE B 155 14.83 9.03 11.66
C PHE B 155 13.76 9.82 12.39
N ASP B 156 14.13 10.44 13.49
CA ASP B 156 13.27 11.37 14.18
C ASP B 156 13.37 12.72 13.48
N ALA B 157 12.56 13.68 13.95
CA ALA B 157 12.49 14.96 13.26
C ALA B 157 13.79 15.76 13.34
N ASP B 158 14.63 15.50 14.33
CA ASP B 158 15.96 16.11 14.42
C ASP B 158 17.04 15.30 13.70
N TRP B 159 16.65 14.34 12.87
CA TRP B 159 17.51 13.40 12.14
C TRP B 159 18.36 12.52 13.05
N HIS B 160 18.16 12.56 14.37
CA HIS B 160 18.64 11.43 15.16
C HIS B 160 17.73 10.23 14.90
N GLY B 161 18.21 9.04 15.25
CA GLY B 161 17.52 7.83 14.90
C GLY B 161 17.34 6.90 16.07
N GLU B 162 16.42 5.95 15.89
CA GLU B 162 16.24 4.86 16.84
C GLU B 162 15.90 3.57 16.11
N VAL B 163 16.41 2.46 16.66
CA VAL B 163 16.20 1.14 16.09
C VAL B 163 14.85 0.64 16.57
N LEU B 164 13.82 0.69 15.70
CA LEU B 164 12.48 0.25 16.09
C LEU B 164 12.30 -1.26 16.06
N ALA B 165 13.11 -1.99 15.28
CA ALA B 165 12.88 -3.42 15.13
C ALA B 165 14.21 -4.08 14.77
N GLU B 166 14.25 -5.40 14.99
CA GLU B 166 15.54 -6.08 14.92
C GLU B 166 15.35 -7.59 14.72
N SER B 167 16.18 -8.14 13.86
CA SER B 167 16.16 -9.56 13.53
C SER B 167 17.63 -9.96 13.40
N LYS B 168 18.05 -10.93 14.21
CA LYS B 168 19.48 -11.25 14.31
C LYS B 168 19.64 -12.68 14.79
N ARG B 169 20.86 -13.19 14.66
CA ARG B 169 21.18 -14.55 15.08
C ARG B 169 21.01 -14.73 16.57
N GLY B 170 20.94 -16.00 16.98
CA GLY B 170 21.14 -16.31 18.39
C GLY B 170 22.54 -15.90 18.82
N GLY B 171 22.68 -15.62 20.12
CA GLY B 171 23.99 -15.29 20.65
C GLY B 171 24.64 -14.12 19.94
N MET B 172 23.88 -13.04 19.84
CA MET B 172 24.27 -11.89 19.02
C MET B 172 23.83 -10.64 19.74
N ASP B 173 24.75 -9.70 19.89
CA ASP B 173 24.41 -8.39 20.43
C ASP B 173 23.33 -7.73 19.59
N GLY B 174 22.67 -6.73 20.19
CA GLY B 174 21.57 -6.07 19.53
C GLY B 174 21.52 -4.62 19.94
N PHE B 175 20.71 -3.86 19.20
CA PHE B 175 20.51 -2.45 19.52
C PHE B 175 19.03 -2.07 19.57
N LEU B 176 18.12 -3.06 19.58
CA LEU B 176 16.69 -2.76 19.66
C LEU B 176 16.45 -1.73 20.73
N GLY B 177 15.69 -0.69 20.38
CA GLY B 177 15.30 0.34 21.34
C GLY B 177 16.26 1.48 21.52
N MET B 178 17.44 1.46 20.89
CA MET B 178 18.41 2.49 21.21
C MET B 178 18.33 3.66 20.24
N HIS B 179 18.97 4.75 20.62
CA HIS B 179 18.94 5.98 19.88
C HIS B 179 20.35 6.33 19.46
N PHE B 180 20.47 6.91 18.28
CA PHE B 180 21.79 7.19 17.79
C PHE B 180 21.83 8.65 17.39
N PRO B 181 22.94 9.35 17.65
CA PRO B 181 23.02 10.77 17.28
C PRO B 181 22.84 10.99 15.79
N ALA B 182 22.36 12.19 15.45
CA ALA B 182 22.19 12.58 14.06
C ALA B 182 23.51 12.55 13.28
N THR B 183 24.64 12.80 13.94
CA THR B 183 25.92 12.82 13.24
C THR B 183 26.44 11.43 12.86
N ASP B 184 25.78 10.36 13.33
CA ASP B 184 26.16 9.03 12.88
C ASP B 184 25.90 8.83 11.39
N ILE B 185 24.98 9.60 10.83
CA ILE B 185 24.71 9.65 9.39
C ILE B 185 24.67 11.12 9.01
N PRO B 186 25.79 11.71 8.63
CA PRO B 186 25.84 13.16 8.42
C PRO B 186 25.00 13.58 7.22
N VAL B 187 24.85 14.90 7.06
CA VAL B 187 23.81 15.41 6.18
C VAL B 187 24.10 15.05 4.72
N GLN B 188 25.37 15.06 4.30
CA GLN B 188 25.65 14.76 2.90
C GLN B 188 25.40 13.28 2.60
N ALA B 189 25.63 12.40 3.58
CA ALA B 189 25.28 10.99 3.41
C ALA B 189 23.78 10.81 3.21
N ARG B 190 22.97 11.53 4.01
CA ARG B 190 21.52 11.40 3.87
C ARG B 190 21.05 11.91 2.52
N ALA B 191 21.68 12.98 2.02
CA ALA B 191 21.31 13.49 0.70
C ALA B 191 21.64 12.48 -0.39
N LEU B 192 22.81 11.86 -0.30
CA LEU B 192 23.16 10.78 -1.21
C LEU B 192 22.19 9.62 -1.07
N TYR B 193 21.96 9.15 0.17
CA TYR B 193 21.11 7.97 0.34
C TYR B 193 19.65 8.24 -0.05
N THR B 194 19.27 9.49 -0.23
CA THR B 194 17.97 9.79 -0.76
C THR B 194 17.91 9.52 -2.26
N ARG B 195 19.01 9.74 -2.98
CA ARG B 195 19.09 9.46 -4.41
C ARG B 195 19.54 8.04 -4.71
N ASN B 196 20.44 7.48 -3.90
CA ASN B 196 21.00 6.15 -4.17
C ASN B 196 20.67 5.24 -3.00
N PRO B 197 19.62 4.42 -3.12
CA PRO B 197 19.01 3.80 -1.93
C PRO B 197 19.62 2.48 -1.47
N LEU B 198 20.79 2.09 -1.97
CA LEU B 198 21.49 0.89 -1.55
C LEU B 198 22.97 1.17 -1.41
N ARG B 199 23.61 0.44 -0.50
CA ARG B 199 25.06 0.49 -0.37
C ARG B 199 25.51 -0.76 0.34
N LEU B 200 26.49 -1.44 -0.23
CA LEU B 200 27.15 -2.57 0.40
C LEU B 200 28.57 -2.18 0.77
N ILE B 201 28.96 -2.44 2.00
CA ILE B 201 30.36 -2.47 2.39
C ILE B 201 30.66 -3.93 2.64
N ALA B 202 31.38 -4.58 1.71
CA ALA B 202 31.51 -6.03 1.77
C ALA B 202 32.62 -6.47 2.70
N ASP B 203 33.54 -5.57 3.07
CA ASP B 203 34.65 -5.93 3.94
C ASP B 203 35.19 -4.65 4.59
N ALA B 204 34.70 -4.37 5.81
CA ALA B 204 35.11 -3.15 6.52
C ALA B 204 36.61 -3.10 6.82
N ARG B 205 37.32 -4.22 6.70
CA ARG B 205 38.74 -4.26 7.01
C ARG B 205 39.62 -3.96 5.80
N ALA B 206 39.08 -4.12 4.60
CA ALA B 206 39.88 -4.11 3.38
C ALA B 206 40.32 -2.69 3.01
N ARG B 207 41.38 -2.61 2.23
CA ARG B 207 41.84 -1.29 1.81
C ARG B 207 41.18 -0.88 0.48
N PRO B 208 40.83 0.39 0.30
CA PRO B 208 40.19 0.78 -0.96
C PRO B 208 41.15 0.65 -2.12
N VAL B 209 40.60 0.46 -3.30
CA VAL B 209 41.38 0.37 -4.53
C VAL B 209 41.31 1.72 -5.25
N PRO B 210 42.44 2.39 -5.51
CA PRO B 210 42.38 3.71 -6.14
C PRO B 210 41.98 3.63 -7.61
N LEU B 211 41.64 4.80 -8.16
CA LEU B 211 41.34 4.97 -9.58
C LEU B 211 42.54 5.60 -10.31
N LEU B 212 42.60 5.33 -11.61
CA LEU B 212 43.75 5.70 -12.43
C LEU B 212 43.23 6.45 -13.65
N PRO B 213 43.59 7.71 -13.86
CA PRO B 213 44.41 8.58 -13.01
C PRO B 213 43.57 8.97 -11.78
N PRO B 214 44.11 9.71 -10.80
CA PRO B 214 43.30 10.02 -9.61
C PRO B 214 42.34 11.16 -9.82
N VAL B 215 42.44 11.89 -10.93
CA VAL B 215 41.43 12.87 -11.28
C VAL B 215 41.02 12.62 -12.72
N VAL B 216 39.79 12.96 -13.05
CA VAL B 216 39.38 13.02 -14.44
C VAL B 216 40.07 14.23 -15.07
N PRO B 217 40.93 14.01 -16.07
CA PRO B 217 41.80 15.08 -16.57
C PRO B 217 41.06 16.33 -17.00
N ALA B 218 39.86 16.18 -17.56
CA ALA B 218 39.11 17.36 -17.95
C ALA B 218 38.66 18.16 -16.74
N LEU B 219 38.43 17.50 -15.61
CA LEU B 219 37.79 18.11 -14.45
C LEU B 219 38.77 18.57 -13.36
N GLY B 220 39.85 17.86 -13.10
CA GLY B 220 40.70 18.24 -11.99
C GLY B 220 40.18 17.86 -10.62
N ARG B 221 39.25 16.93 -10.55
CA ARG B 221 38.81 16.35 -9.29
C ARG B 221 38.55 14.89 -9.58
N PRO B 222 38.40 14.07 -8.55
CA PRO B 222 38.10 12.64 -8.79
C PRO B 222 36.77 12.46 -9.52
N LEU B 223 36.61 11.26 -10.09
CA LEU B 223 35.35 10.88 -10.73
C LEU B 223 34.22 10.81 -9.69
N ASP B 224 33.07 11.40 -10.03
CA ASP B 224 31.89 11.34 -9.17
C ASP B 224 31.34 9.92 -9.13
N LEU B 225 31.36 9.29 -7.96
CA LEU B 225 30.88 7.92 -7.76
C LEU B 225 29.52 7.85 -7.06
N SER B 226 28.71 8.91 -7.15
CA SER B 226 27.40 8.93 -6.49
C SER B 226 26.62 7.66 -6.79
N ASN B 227 26.67 7.21 -8.04
CA ASN B 227 25.85 6.09 -8.51
C ASN B 227 26.65 4.81 -8.68
N SER B 228 27.85 4.76 -8.12
CA SER B 228 28.71 3.60 -8.26
C SER B 228 28.31 2.56 -7.24
N ALA B 229 28.11 1.31 -7.69
CA ALA B 229 27.81 0.22 -6.76
C ALA B 229 29.05 -0.21 -5.97
N LEU B 230 30.26 0.05 -6.49
CA LEU B 230 31.49 -0.39 -5.85
C LEU B 230 32.14 0.69 -5.00
N ARG B 231 31.54 1.88 -4.94
CA ARG B 231 32.15 3.02 -4.28
C ARG B 231 32.62 2.63 -2.89
N SER B 232 33.86 2.98 -2.58
CA SER B 232 34.37 2.84 -1.24
C SER B 232 33.86 3.97 -0.38
N VAL B 233 33.54 3.68 0.89
CA VAL B 233 32.90 4.67 1.76
C VAL B 233 33.93 5.43 2.58
N SER B 234 33.48 6.56 3.12
CA SER B 234 34.22 7.38 4.07
C SER B 234 35.06 6.57 5.05
N PRO B 235 36.35 6.85 5.14
CA PRO B 235 37.19 6.11 6.10
C PRO B 235 36.72 6.24 7.54
N VAL B 236 36.11 7.37 7.89
CA VAL B 236 35.65 7.48 9.28
C VAL B 236 34.46 6.55 9.50
N HIS B 237 33.71 6.20 8.45
CA HIS B 237 32.64 5.23 8.66
C HIS B 237 33.19 3.83 8.84
N LEU B 238 34.24 3.46 8.11
CA LEU B 238 34.83 2.15 8.35
C LEU B 238 35.30 2.02 9.80
N GLU B 239 35.87 3.09 10.35
CA GLU B 239 36.35 3.03 11.73
C GLU B 239 35.17 2.87 12.69
N TYR B 240 34.04 3.49 12.37
CA TYR B 240 32.81 3.30 13.12
C TYR B 240 32.36 1.85 13.09
N LEU B 241 32.29 1.25 11.89
CA LEU B 241 31.99 -0.17 11.79
C LEU B 241 32.95 -1.01 12.63
N ARG B 242 34.25 -0.81 12.46
CA ARG B 242 35.21 -1.60 13.21
C ARG B 242 35.03 -1.40 14.71
N ASN B 243 34.64 -0.19 15.13
CA ASN B 243 34.40 0.03 16.55
C ASN B 243 33.17 -0.73 17.03
N MET B 244 32.21 -1.00 16.14
CA MET B 244 31.11 -1.90 16.47
C MET B 244 31.52 -3.36 16.39
N GLY B 245 32.72 -3.65 15.94
CA GLY B 245 33.08 -5.03 15.68
C GLY B 245 32.26 -5.70 14.59
N VAL B 246 31.94 -5.00 13.49
CA VAL B 246 31.25 -5.64 12.38
C VAL B 246 32.18 -5.67 11.17
N GLY B 247 32.06 -6.72 10.37
CA GLY B 247 32.96 -6.94 9.28
C GLY B 247 32.45 -6.57 7.91
N ALA B 248 31.12 -6.57 7.74
CA ALA B 248 30.45 -6.21 6.50
C ALA B 248 29.12 -5.54 6.86
N SER B 249 28.71 -4.58 6.03
CA SER B 249 27.54 -3.76 6.28
C SER B 249 26.79 -3.51 4.97
N PHE B 250 25.46 -3.50 5.05
CA PHE B 250 24.60 -3.34 3.88
C PHE B 250 23.32 -2.66 4.35
N SER B 251 22.98 -1.53 3.74
CA SER B 251 21.80 -0.80 4.19
C SER B 251 21.01 -0.28 3.01
N LEU B 252 19.69 -0.27 3.16
CA LEU B 252 18.77 0.19 2.13
C LEU B 252 17.94 1.36 2.67
N SER B 253 17.77 2.39 1.87
CA SER B 253 17.00 3.56 2.25
C SER B 253 15.51 3.24 2.21
N LEU B 254 14.80 3.77 3.19
CA LEU B 254 13.35 3.64 3.29
C LEU B 254 12.75 4.99 2.92
N LEU B 255 12.45 5.17 1.63
CA LEU B 255 11.74 6.34 1.14
C LEU B 255 10.25 6.04 1.19
N LYS B 256 9.50 6.86 1.91
CA LYS B 256 8.09 6.53 2.07
C LYS B 256 7.28 7.29 1.02
N GLU B 257 6.90 8.54 1.35
CA GLU B 257 6.24 9.40 0.38
C GLU B 257 7.23 10.45 -0.11
N GLY B 258 8.31 10.02 -0.77
CA GLY B 258 9.34 10.92 -1.25
C GLY B 258 10.37 11.38 -0.22
N VAL B 259 10.13 11.18 1.08
CA VAL B 259 11.06 11.64 2.10
C VAL B 259 11.81 10.45 2.68
N LEU B 260 12.99 10.73 3.25
CA LEU B 260 13.87 9.70 3.82
C LEU B 260 13.37 9.34 5.22
N TRP B 261 12.54 8.31 5.28
CA TRP B 261 11.92 7.92 6.54
C TRP B 261 12.93 7.27 7.47
N GLY B 262 13.72 6.34 6.95
CA GLY B 262 14.62 5.58 7.78
C GLY B 262 15.49 4.67 6.92
N LEU B 263 16.12 3.70 7.58
CA LEU B 263 17.00 2.75 6.92
C LEU B 263 16.70 1.36 7.43
N ILE B 264 16.96 0.36 6.58
CA ILE B 264 17.13 -1.02 7.02
C ILE B 264 18.64 -1.29 6.99
N ALA B 265 19.24 -1.42 8.16
CA ALA B 265 20.68 -1.59 8.29
C ALA B 265 20.98 -3.06 8.57
N CYS B 266 21.95 -3.62 7.84
CA CYS B 266 22.39 -5.00 8.05
C CYS B 266 23.87 -5.02 8.42
N HIS B 267 24.21 -5.89 9.38
CA HIS B 267 25.56 -6.09 9.87
C HIS B 267 25.92 -7.56 9.79
N HIS B 268 27.13 -7.84 9.34
CA HIS B 268 27.68 -9.18 9.42
C HIS B 268 28.99 -9.15 10.21
N LEU B 269 29.26 -10.24 10.91
CA LEU B 269 30.48 -10.29 11.71
C LEU B 269 31.71 -10.57 10.87
N GLU B 270 31.55 -11.21 9.73
CA GLU B 270 32.61 -11.52 8.80
C GLU B 270 32.37 -10.81 7.47
N PRO B 271 33.41 -10.69 6.63
CA PRO B 271 33.19 -10.15 5.29
C PRO B 271 32.15 -10.96 4.54
N LEU B 272 31.37 -10.27 3.70
CA LEU B 272 30.26 -10.95 3.04
C LEU B 272 29.81 -10.10 1.86
N HIS B 273 29.74 -10.71 0.68
CA HIS B 273 29.31 -10.02 -0.54
C HIS B 273 27.91 -10.49 -0.91
N ILE B 274 27.01 -9.52 -1.12
CA ILE B 274 25.67 -9.78 -1.59
C ILE B 274 25.63 -9.39 -3.06
N SER B 275 25.01 -10.21 -3.89
CA SER B 275 25.06 -9.96 -5.31
C SER B 275 24.18 -8.76 -5.64
N HIS B 276 24.43 -8.15 -6.79
CA HIS B 276 23.59 -7.04 -7.24
C HIS B 276 22.14 -7.49 -7.31
N GLU B 277 21.91 -8.64 -7.94
CA GLU B 277 20.57 -9.18 -8.12
C GLU B 277 19.89 -9.45 -6.77
N ARG B 278 20.66 -9.91 -5.79
CA ARG B 278 20.08 -10.12 -4.47
C ARG B 278 19.83 -8.79 -3.75
N ARG B 279 20.69 -7.80 -3.95
CA ARG B 279 20.44 -6.47 -3.38
C ARG B 279 19.15 -5.88 -3.94
N ARG B 280 18.88 -6.09 -5.23
CA ARG B 280 17.66 -5.58 -5.82
C ARG B 280 16.42 -6.33 -5.31
N ALA B 281 16.56 -7.62 -4.99
CA ALA B 281 15.47 -8.34 -4.34
C ALA B 281 15.08 -7.65 -3.05
N CYS B 282 16.07 -7.34 -2.19
CA CYS B 282 15.79 -6.63 -0.96
C CYS B 282 15.21 -5.25 -1.20
N GLU B 283 15.67 -4.56 -2.25
CA GLU B 283 15.09 -3.25 -2.55
C GLU B 283 13.60 -3.34 -2.82
N VAL B 284 13.14 -4.47 -3.38
CA VAL B 284 11.71 -4.68 -3.59
C VAL B 284 10.99 -4.81 -2.25
N LEU B 285 11.64 -5.48 -1.28
CA LEU B 285 11.01 -5.62 0.03
C LEU B 285 10.88 -4.28 0.74
N THR B 286 11.89 -3.40 0.66
CA THR B 286 11.80 -2.13 1.37
C THR B 286 10.76 -1.22 0.73
N GLN B 287 10.70 -1.15 -0.60
CA GLN B 287 9.57 -0.43 -1.20
C GLN B 287 8.23 -1.07 -0.82
N LEU B 288 8.23 -2.36 -0.52
CA LEU B 288 6.99 -2.99 -0.09
C LEU B 288 6.61 -2.56 1.33
N LEU B 289 7.57 -2.57 2.26
CA LEU B 289 7.28 -2.10 3.61
C LEU B 289 6.79 -0.66 3.58
N ALA B 290 7.48 0.20 2.84
CA ALA B 290 7.09 1.60 2.76
C ALA B 290 5.65 1.73 2.30
N LEU B 291 5.24 0.89 1.35
CA LEU B 291 3.86 0.92 0.91
C LEU B 291 2.91 0.51 2.03
N GLN B 292 3.20 -0.61 2.70
CA GLN B 292 2.38 -1.08 3.81
C GLN B 292 2.25 -0.04 4.92
N LEU B 293 3.33 0.72 5.18
CA LEU B 293 3.31 1.75 6.23
C LEU B 293 2.41 2.93 5.85
N SER B 294 2.54 3.42 4.61
CA SER B 294 1.64 4.47 4.16
C SER B 294 0.19 4.02 4.24
N ALA B 295 -0.07 2.77 3.86
CA ALA B 295 -1.46 2.30 3.85
C ALA B 295 -2.01 2.17 5.27
N GLU B 296 -1.18 1.75 6.22
CA GLU B 296 -1.67 1.61 7.59
C GLU B 296 -1.65 2.92 8.34
N GLU B 297 -0.69 3.79 8.02
CA GLU B 297 -0.69 5.09 8.67
C GLU B 297 -1.91 5.90 8.27
N ARG B 298 -2.23 5.89 6.98
CA ARG B 298 -3.39 6.65 6.52
C ARG B 298 -4.69 6.06 7.04
N ALA B 299 -4.73 4.76 7.34
CA ALA B 299 -5.92 4.19 7.95
C ALA B 299 -5.98 4.54 9.43
N ALA B 300 -4.84 4.49 10.11
CA ALA B 300 -4.82 4.92 11.49
C ALA B 300 -5.32 6.35 11.61
N GLU B 301 -4.89 7.21 10.69
CA GLU B 301 -5.28 8.62 10.73
C GLU B 301 -6.77 8.80 10.42
N ALA B 302 -7.30 8.04 9.45
CA ALA B 302 -8.74 8.11 9.17
C ALA B 302 -9.57 7.66 10.36
N SER B 303 -9.20 6.53 10.98
CA SER B 303 -9.92 6.06 12.18
C SER B 303 -9.84 7.09 13.29
N GLU B 304 -8.68 7.74 13.44
CA GLU B 304 -8.56 8.75 14.48
C GLU B 304 -9.51 9.92 14.22
N ASP B 305 -9.52 10.45 12.99
CA ASP B 305 -10.45 11.55 12.71
C ASP B 305 -11.89 11.12 12.97
N ALA B 306 -12.23 9.87 12.60
CA ALA B 306 -13.59 9.40 12.83
C ALA B 306 -13.95 9.46 14.32
N HIS B 307 -13.02 9.05 15.19
CA HIS B 307 -13.32 9.17 16.61
C HIS B 307 -13.57 10.62 17.01
N ARG B 308 -12.65 11.54 16.67
CA ARG B 308 -12.82 12.93 17.07
C ARG B 308 -14.10 13.52 16.49
N ALA B 309 -14.39 13.20 15.22
CA ALA B 309 -15.55 13.76 14.55
C ALA B 309 -16.83 13.36 15.26
N ALA B 310 -16.88 12.13 15.75
CA ALA B 310 -18.05 11.71 16.51
C ALA B 310 -18.13 12.43 17.86
N LEU B 311 -16.98 12.78 18.44
CA LEU B 311 -17.00 13.60 19.66
C LEU B 311 -17.61 14.97 19.38
N LEU B 312 -17.13 15.64 18.33
CA LEU B 312 -17.76 16.89 17.91
C LEU B 312 -19.24 16.72 17.65
N GLY B 313 -19.61 15.57 17.09
CA GLY B 313 -21.02 15.34 16.79
C GLY B 313 -21.87 15.24 18.04
N GLN B 314 -21.39 14.49 19.04
CA GLN B 314 -22.10 14.43 20.31
C GLN B 314 -22.14 15.80 20.99
N LEU B 315 -21.08 16.59 20.85
CA LEU B 315 -21.10 17.96 21.38
C LEU B 315 -22.17 18.81 20.71
N ALA B 316 -22.27 18.71 19.37
CA ALA B 316 -23.24 19.52 18.67
C ALA B 316 -24.65 19.19 19.12
N THR B 317 -25.00 17.90 19.11
CA THR B 317 -26.27 17.47 19.68
C THR B 317 -26.48 18.06 21.07
N ALA B 318 -25.44 18.04 21.92
CA ALA B 318 -25.60 18.49 23.30
C ALA B 318 -25.86 19.99 23.36
N MET B 319 -25.28 20.76 22.45
CA MET B 319 -25.49 22.20 22.47
C MET B 319 -26.94 22.54 22.16
N GLY B 320 -27.45 22.06 21.04
CA GLY B 320 -28.83 22.27 20.69
C GLY B 320 -29.72 21.34 21.48
N GLU B 321 -29.97 21.69 22.75
CA GLU B 321 -30.83 20.88 23.62
C GLU B 321 -31.12 21.65 24.90
N GLY B 322 -30.41 22.75 25.11
CA GLY B 322 -30.60 23.56 26.28
C GLY B 322 -29.61 24.71 26.34
N GLY B 323 -30.09 25.92 26.08
CA GLY B 323 -29.26 27.11 26.05
C GLY B 323 -28.50 27.34 27.34
N THR B 324 -27.48 26.51 27.57
CA THR B 324 -26.76 26.42 28.83
C THR B 324 -25.30 26.11 28.53
N LEU B 325 -24.60 27.08 27.90
CA LEU B 325 -23.29 26.83 27.30
C LEU B 325 -22.27 26.37 28.34
N GLU B 326 -22.00 27.23 29.32
CA GLU B 326 -21.07 26.88 30.40
C GLU B 326 -21.52 25.63 31.16
N GLU B 327 -22.81 25.31 31.11
CA GLU B 327 -23.35 24.13 31.78
C GLU B 327 -23.10 22.85 30.99
N VAL B 328 -23.28 22.90 29.66
CA VAL B 328 -23.01 21.70 28.86
C VAL B 328 -21.50 21.47 28.77
N LEU B 329 -20.73 22.54 28.68
CA LEU B 329 -19.29 22.37 28.72
C LEU B 329 -18.81 21.92 30.08
N GLU B 330 -19.69 21.92 31.08
CA GLU B 330 -19.36 21.31 32.36
C GLU B 330 -19.80 19.85 32.41
N LYS B 331 -21.03 19.54 32.01
CA LYS B 331 -21.47 18.15 32.07
C LYS B 331 -20.79 17.33 30.99
N GLU B 332 -20.56 17.91 29.81
CA GLU B 332 -19.88 17.23 28.70
C GLU B 332 -18.37 17.47 28.74
N SER B 333 -17.77 17.51 29.92
CA SER B 333 -16.41 18.00 30.04
C SER B 333 -15.40 17.04 29.44
N GLU B 334 -15.57 15.75 29.67
CA GLU B 334 -14.53 14.83 29.24
C GLU B 334 -14.55 14.61 27.74
N ARG B 335 -15.68 14.81 27.07
CA ARG B 335 -15.68 14.88 25.61
C ARG B 335 -14.87 16.09 25.14
N VAL B 336 -15.05 17.24 25.80
CA VAL B 336 -14.28 18.43 25.46
C VAL B 336 -12.79 18.19 25.68
N LEU B 337 -12.45 17.42 26.71
CA LEU B 337 -11.04 17.11 26.96
C LEU B 337 -10.54 16.06 25.98
N ALA B 338 -11.32 15.00 25.77
CA ALA B 338 -10.91 13.93 24.86
C ALA B 338 -10.68 14.45 23.45
N LEU B 339 -11.38 15.53 23.07
CA LEU B 339 -11.28 16.04 21.70
C LEU B 339 -9.83 16.11 21.23
N THR B 340 -8.93 16.55 22.12
CA THR B 340 -7.52 16.71 21.80
C THR B 340 -6.63 15.90 22.74
N GLY B 341 -7.19 14.89 23.41
CA GLY B 341 -6.41 14.03 24.26
C GLY B 341 -5.80 14.76 25.44
N ALA B 342 -6.51 15.77 25.96
CA ALA B 342 -6.00 16.72 26.94
C ALA B 342 -6.50 16.39 28.34
N ALA B 343 -5.92 17.07 29.32
CA ALA B 343 -6.23 16.88 30.72
C ALA B 343 -6.86 18.13 31.37
N GLY B 344 -6.94 19.23 30.65
CA GLY B 344 -7.63 20.41 31.15
C GLY B 344 -7.85 21.36 30.00
N VAL B 345 -8.79 22.29 30.20
CA VAL B 345 -9.07 23.26 29.15
C VAL B 345 -9.67 24.51 29.77
N ALA B 346 -9.09 25.65 29.42
CA ALA B 346 -9.62 26.96 29.77
C ALA B 346 -10.41 27.51 28.59
N LEU B 347 -11.59 28.07 28.89
CA LEU B 347 -12.47 28.63 27.87
C LEU B 347 -12.66 30.11 28.13
N LEU B 348 -12.21 30.93 27.18
CA LEU B 348 -12.32 32.39 27.29
C LEU B 348 -13.46 32.86 26.42
N LEU B 349 -14.67 32.67 26.93
CA LEU B 349 -15.86 33.25 26.34
C LEU B 349 -16.03 34.73 26.68
N GLY B 350 -15.08 35.29 27.44
CA GLY B 350 -15.09 36.72 27.73
C GLY B 350 -14.83 37.08 29.18
N GLU B 351 -15.82 36.85 30.03
CA GLU B 351 -15.80 37.34 31.40
C GLU B 351 -14.70 36.69 32.23
N GLU B 352 -15.05 35.67 32.99
CA GLU B 352 -14.03 34.95 33.72
C GLU B 352 -13.65 33.68 32.97
N PRO B 353 -12.37 33.33 32.96
CA PRO B 353 -11.94 32.07 32.35
C PRO B 353 -12.67 30.88 32.96
N LEU B 354 -13.32 30.11 32.10
CA LEU B 354 -14.00 28.88 32.51
C LEU B 354 -12.98 27.75 32.49
N LEU B 355 -12.68 27.18 33.65
CA LEU B 355 -11.60 26.21 33.81
C LEU B 355 -12.22 24.84 34.06
N VAL B 356 -11.95 23.90 33.13
CA VAL B 356 -12.57 22.59 33.12
C VAL B 356 -11.48 21.53 33.22
N GLY B 357 -11.72 20.53 34.08
CA GLY B 357 -10.73 19.49 34.30
C GLY B 357 -9.55 20.02 35.09
N CYS B 358 -8.36 19.54 34.73
CA CYS B 358 -7.15 19.79 35.50
C CYS B 358 -6.30 20.88 34.83
N THR B 359 -6.16 22.02 35.49
CA THR B 359 -5.66 23.23 34.83
C THR B 359 -4.71 24.04 35.72
N PRO B 360 -4.00 25.04 35.18
CA PRO B 360 -3.31 26.00 36.04
C PRO B 360 -4.30 27.04 36.56
N ALA B 361 -3.86 27.79 37.57
CA ALA B 361 -4.78 28.65 38.31
C ALA B 361 -5.26 29.81 37.45
N GLN B 362 -6.41 30.36 37.85
CA GLN B 362 -7.05 31.46 37.11
C GLN B 362 -6.08 32.59 36.82
N ASP B 363 -5.29 32.99 37.82
CA ASP B 363 -4.26 34.00 37.61
C ASP B 363 -3.29 33.58 36.53
N GLU B 364 -2.76 32.36 36.63
CA GLU B 364 -1.74 31.91 35.71
C GLU B 364 -2.29 31.74 34.30
N VAL B 365 -3.57 31.41 34.13
CA VAL B 365 -4.11 31.30 32.78
C VAL B 365 -4.29 32.68 32.17
N GLU B 366 -4.94 33.60 32.90
CA GLU B 366 -5.07 34.97 32.41
C GLU B 366 -3.72 35.61 32.13
N ALA B 367 -2.64 35.09 32.73
CA ALA B 367 -1.31 35.62 32.47
C ALA B 367 -0.73 35.10 31.16
N LEU B 368 -0.90 33.82 30.85
CA LEU B 368 -0.52 33.36 29.52
C LEU B 368 -1.60 33.67 28.48
N VAL B 369 -2.84 33.93 28.92
CA VAL B 369 -3.85 34.43 27.99
C VAL B 369 -3.40 35.74 27.37
N ALA B 370 -2.96 36.68 28.22
CA ALA B 370 -2.51 37.97 27.72
C ALA B 370 -1.29 37.81 26.82
N TRP B 371 -0.39 36.91 27.20
CA TRP B 371 0.81 36.64 26.39
C TRP B 371 0.47 36.02 25.04
N LEU B 372 -0.58 35.20 24.98
CA LEU B 372 -0.90 34.46 23.76
C LEU B 372 -1.40 35.38 22.65
N ALA B 373 -2.22 36.38 23.01
CA ALA B 373 -2.85 37.23 22.01
C ALA B 373 -1.83 37.95 21.13
N THR B 374 -0.61 38.12 21.61
CA THR B 374 0.43 38.88 20.92
C THR B 374 1.43 38.00 20.19
N GLN B 375 0.96 36.98 19.49
CA GLN B 375 1.84 35.97 18.90
C GLN B 375 1.48 35.78 17.43
N PRO B 376 2.38 35.20 16.64
CA PRO B 376 2.17 35.16 15.19
C PRO B 376 1.43 33.93 14.64
N PHE B 377 0.47 33.41 15.38
CA PHE B 377 -0.39 32.37 14.85
C PHE B 377 -1.73 32.97 14.47
N GLN B 378 -2.38 32.39 13.44
CA GLN B 378 -3.59 32.99 12.90
C GLN B 378 -4.85 32.45 13.57
N THR B 379 -5.00 31.11 13.64
CA THR B 379 -6.13 30.48 14.33
C THR B 379 -5.73 29.57 15.47
N SER B 380 -4.53 28.98 15.44
CA SER B 380 -4.16 27.92 16.36
C SER B 380 -2.69 28.01 16.69
N PHE B 381 -2.36 27.81 17.97
CA PHE B 381 -0.99 27.70 18.45
C PHE B 381 -0.84 26.41 19.26
N HIS B 382 0.33 25.77 19.17
CA HIS B 382 0.53 24.54 19.91
C HIS B 382 2.02 24.34 20.20
N THR B 383 2.31 23.86 21.40
CA THR B 383 3.66 23.45 21.77
C THR B 383 3.58 22.27 22.73
N ASP B 384 4.61 21.43 22.70
CA ASP B 384 4.75 20.32 23.63
C ASP B 384 5.83 20.58 24.68
N ARG B 385 6.33 21.82 24.78
CA ARG B 385 7.24 22.21 25.85
C ARG B 385 7.00 23.70 26.10
N LEU B 386 5.90 24.01 26.79
CA LEU B 386 5.55 25.39 27.04
C LEU B 386 6.68 26.12 27.74
N GLY B 387 7.34 25.47 28.71
CA GLY B 387 8.25 26.17 29.59
C GLY B 387 9.49 26.74 28.91
N THR B 388 9.95 26.08 27.84
CA THR B 388 11.07 26.61 27.06
C THR B 388 10.66 27.79 26.21
N VAL B 389 9.37 28.13 26.19
CA VAL B 389 8.86 29.22 25.37
C VAL B 389 8.09 30.24 26.18
N TYR B 390 7.68 29.92 27.40
CA TYR B 390 6.94 30.85 28.26
C TYR B 390 7.28 30.46 29.70
N PRO B 391 8.37 31.00 30.24
CA PRO B 391 8.91 30.49 31.53
C PRO B 391 8.07 30.87 32.74
N PRO B 392 7.06 31.79 32.65
CA PRO B 392 6.13 31.91 33.78
C PRO B 392 5.50 30.60 34.24
N LEU B 393 5.42 29.58 33.36
CA LEU B 393 4.83 28.29 33.70
C LEU B 393 5.82 27.13 33.54
N ALA B 394 7.12 27.42 33.50
CA ALA B 394 8.09 26.33 33.43
C ALA B 394 8.01 25.42 34.65
N ALA B 395 7.54 25.93 35.80
CA ALA B 395 7.44 25.12 37.02
C ALA B 395 6.17 24.28 37.06
N ARG B 396 5.27 24.46 36.11
CA ARG B 396 4.00 23.75 36.06
C ARG B 396 4.01 22.70 34.97
N ALA B 397 5.09 21.93 34.86
CA ALA B 397 5.10 20.79 33.95
C ALA B 397 4.04 19.77 34.31
N ASP B 398 3.49 19.83 35.54
CA ASP B 398 2.52 18.85 36.02
C ASP B 398 1.14 19.01 35.38
N VAL B 399 0.84 20.20 34.84
CA VAL B 399 -0.46 20.48 34.22
C VAL B 399 -0.34 21.20 32.89
N ALA B 400 0.79 21.81 32.55
CA ALA B 400 0.89 22.57 31.31
C ALA B 400 2.28 22.45 30.70
N ALA B 401 2.79 21.23 30.57
CA ALA B 401 3.96 21.06 29.71
C ALA B 401 3.60 21.32 28.25
N GLY B 402 2.35 21.07 27.89
CA GLY B 402 1.89 21.30 26.53
C GLY B 402 0.56 22.01 26.52
N ILE B 403 0.41 22.95 25.56
CA ILE B 403 -0.86 23.62 25.37
C ILE B 403 -1.19 23.62 23.88
N LEU B 404 -2.48 23.75 23.61
CA LEU B 404 -3.04 23.87 22.26
C LEU B 404 -4.14 24.91 22.35
N ALA B 405 -3.91 26.09 21.76
CA ALA B 405 -4.82 27.21 21.80
C ALA B 405 -5.37 27.50 20.40
N VAL B 406 -6.70 27.62 20.28
CA VAL B 406 -7.36 28.13 19.08
C VAL B 406 -7.95 29.49 19.40
N ARG B 407 -7.91 30.40 18.41
CA ARG B 407 -8.46 31.74 18.56
C ARG B 407 -9.89 31.76 18.03
N LEU B 408 -10.86 32.04 18.93
CA LEU B 408 -12.28 32.04 18.59
C LEU B 408 -12.77 33.38 18.03
N ALA B 409 -11.88 34.25 17.58
CA ALA B 409 -12.25 35.61 17.25
C ALA B 409 -11.24 36.19 16.27
N PRO B 410 -11.64 37.21 15.48
CA PRO B 410 -10.64 37.93 14.67
C PRO B 410 -9.68 38.67 15.58
N ALA B 411 -9.86 39.99 15.70
CA ALA B 411 -9.29 40.69 16.82
C ALA B 411 -9.93 40.15 18.10
N ALA B 412 -9.54 40.75 19.23
CA ALA B 412 -9.97 40.36 20.57
C ALA B 412 -9.38 39.01 20.98
N ALA B 413 -9.28 38.79 22.29
CA ALA B 413 -8.62 37.61 22.84
C ALA B 413 -9.66 36.65 23.41
N ARG B 414 -10.40 36.01 22.52
CA ARG B 414 -11.31 34.92 22.88
C ARG B 414 -10.63 33.60 22.53
N PHE B 415 -10.39 32.75 23.53
CA PHE B 415 -9.54 31.57 23.34
C PHE B 415 -10.15 30.32 23.95
N ALA B 416 -9.78 29.19 23.35
CA ALA B 416 -9.96 27.86 23.92
C ALA B 416 -8.58 27.21 24.00
N ILE B 417 -8.11 26.93 25.22
CA ILE B 417 -6.76 26.42 25.44
C ILE B 417 -6.86 25.05 26.10
N TRP B 418 -6.25 24.04 25.48
CA TRP B 418 -6.15 22.71 26.03
C TRP B 418 -4.77 22.51 26.65
N PHE B 419 -4.73 21.85 27.81
CA PHE B 419 -3.50 21.68 28.57
C PHE B 419 -3.07 20.22 28.60
N ARG B 420 -1.76 19.99 28.59
CA ARG B 420 -1.23 18.66 28.80
C ARG B 420 -0.10 18.68 29.82
N PRO B 421 0.03 17.63 30.63
CA PRO B 421 1.18 17.50 31.54
C PRO B 421 2.40 16.93 30.83
N GLU B 422 3.54 17.00 31.52
CA GLU B 422 4.73 16.32 31.04
C GLU B 422 4.49 14.81 31.06
N VAL B 423 5.27 14.10 30.24
CA VAL B 423 5.34 12.64 30.27
C VAL B 423 6.82 12.31 30.22
N ALA B 424 7.38 11.89 31.35
CA ALA B 424 8.79 11.53 31.37
C ALA B 424 9.02 10.28 30.53
N ARG B 425 10.10 10.29 29.75
CA ARG B 425 10.50 9.14 28.97
C ARG B 425 11.99 8.90 29.16
N THR B 426 12.37 7.64 29.23
CA THR B 426 13.76 7.23 29.33
C THR B 426 14.17 6.71 27.96
N ILE B 427 14.97 7.50 27.25
CA ILE B 427 15.60 7.07 26.01
C ILE B 427 17.00 6.58 26.32
N SER B 428 17.41 5.57 25.57
CA SER B 428 18.68 4.88 25.83
C SER B 428 19.57 5.09 24.61
N TRP B 429 20.61 5.90 24.75
CA TRP B 429 21.51 6.21 23.65
C TRP B 429 22.59 5.16 23.52
N ALA B 430 22.93 4.82 22.28
CA ALA B 430 24.04 3.90 22.02
C ALA B 430 25.33 4.69 22.11
N GLY B 431 25.87 4.76 23.33
CA GLY B 431 26.97 5.65 23.64
C GLY B 431 26.50 6.99 24.18
N ASN B 432 27.43 7.71 24.80
CA ASN B 432 27.15 9.01 25.38
C ASN B 432 26.92 10.03 24.29
N PRO B 433 25.69 10.57 24.14
CA PRO B 433 25.43 11.54 23.07
C PRO B 433 26.08 12.90 23.31
N ARG B 434 26.56 13.18 24.52
CA ARG B 434 27.34 14.40 24.69
C ARG B 434 28.66 14.32 23.93
N LYS B 435 29.19 13.12 23.73
CA LYS B 435 30.50 12.88 23.11
C LYS B 435 30.35 12.01 21.85
N PRO B 436 29.73 12.53 20.79
CA PRO B 436 29.41 11.69 19.62
C PRO B 436 30.58 11.38 18.70
N ALA B 437 31.76 11.93 18.99
CA ALA B 437 32.97 11.67 18.21
C ALA B 437 34.15 11.99 19.12
N GLU B 438 35.34 11.65 18.65
CA GLU B 438 36.58 11.92 19.38
C GLU B 438 37.52 12.68 18.44
N PRO B 439 37.54 14.00 18.49
CA PRO B 439 38.50 14.74 17.67
C PRO B 439 39.91 14.59 18.20
N GLU B 440 40.89 14.62 17.30
CA GLU B 440 42.25 14.70 17.74
C GLU B 440 42.54 16.12 18.23
N PRO B 441 43.60 16.31 19.00
CA PRO B 441 44.03 17.68 19.32
C PRO B 441 44.29 18.45 18.03
N GLY B 442 43.79 19.69 17.99
CA GLY B 442 43.79 20.49 16.79
C GLY B 442 42.48 20.46 16.04
N HIS B 443 41.65 19.44 16.27
CA HIS B 443 40.27 19.38 15.76
C HIS B 443 40.23 19.38 14.24
N GLN B 444 41.21 18.74 13.61
CA GLN B 444 41.19 18.52 12.17
C GLN B 444 41.03 17.05 11.79
N ARG B 445 41.01 16.14 12.77
CA ARG B 445 40.84 14.72 12.53
C ARG B 445 39.82 14.18 13.52
N LEU B 446 38.68 13.73 12.99
CA LEU B 446 37.59 13.18 13.77
C LEU B 446 37.65 11.66 13.78
N HIS B 447 37.21 11.08 14.87
CA HIS B 447 37.07 9.64 15.01
C HIS B 447 35.70 9.34 15.57
N PRO B 448 35.10 8.22 15.19
CA PRO B 448 33.85 7.82 15.81
C PRO B 448 34.07 7.57 17.29
N ARG B 449 32.98 7.54 18.05
CA ARG B 449 33.12 7.18 19.46
C ARG B 449 33.60 5.73 19.55
N GLY B 450 34.29 5.43 20.65
CA GLY B 450 34.75 4.07 20.86
C GLY B 450 33.78 3.14 21.51
N SER B 451 32.71 3.64 22.10
CA SER B 451 31.78 2.79 22.81
C SER B 451 30.34 3.06 22.39
N PHE B 452 29.53 2.02 22.46
CA PHE B 452 28.12 2.08 22.08
C PHE B 452 27.21 1.65 23.23
N GLN B 453 27.75 1.51 24.44
CA GLN B 453 26.97 0.98 25.55
C GLN B 453 25.84 1.92 25.93
N ALA B 454 24.78 1.34 26.50
CA ALA B 454 23.59 2.11 26.83
C ALA B 454 23.92 3.24 27.79
N TRP B 455 23.53 4.45 27.40
CA TRP B 455 23.71 5.65 28.19
C TRP B 455 22.34 6.30 28.26
N GLU B 456 21.76 6.36 29.47
CA GLU B 456 20.33 6.61 29.65
C GLU B 456 20.05 8.05 30.02
N GLU B 457 18.96 8.57 29.49
CA GLU B 457 18.57 9.96 29.63
C GLU B 457 17.07 10.02 29.87
N THR B 458 16.65 10.89 30.78
CA THR B 458 15.23 11.04 31.04
C THR B 458 14.80 12.42 30.60
N VAL B 459 13.73 12.47 29.82
CA VAL B 459 13.24 13.72 29.28
C VAL B 459 12.10 14.17 30.15
N ARG B 460 12.18 15.42 30.60
CA ARG B 460 11.19 16.01 31.47
C ARG B 460 10.62 17.24 30.78
N ASP B 461 9.51 17.72 31.32
CA ASP B 461 8.90 19.00 30.95
C ASP B 461 8.41 19.06 29.52
N THR B 462 8.25 17.93 28.85
CA THR B 462 7.66 17.88 27.51
C THR B 462 6.48 16.92 27.51
N SER B 463 5.39 17.33 26.86
CA SER B 463 4.17 16.53 26.85
C SER B 463 4.20 15.53 25.70
N LEU B 464 3.12 14.76 25.59
CA LEU B 464 2.86 14.05 24.34
C LEU B 464 2.68 15.05 23.22
N PRO B 465 3.26 14.79 22.05
CA PRO B 465 3.20 15.76 20.94
C PRO B 465 1.79 15.87 20.42
N TRP B 466 1.44 17.07 19.97
CA TRP B 466 0.11 17.31 19.43
C TRP B 466 0.04 16.73 18.03
N LYS B 467 -0.80 15.71 17.86
CA LYS B 467 -0.95 15.02 16.59
C LYS B 467 -1.91 15.79 15.68
N ARG B 468 -2.04 15.29 14.45
CA ARG B 468 -2.84 15.99 13.44
C ARG B 468 -4.32 15.93 13.78
N ALA B 469 -4.77 14.78 14.25
CA ALA B 469 -6.16 14.63 14.65
C ALA B 469 -6.52 15.63 15.74
N ASP B 470 -5.59 15.92 16.65
CA ASP B 470 -5.84 16.88 17.71
C ASP B 470 -6.14 18.26 17.14
N LEU B 471 -5.23 18.76 16.32
CA LEU B 471 -5.43 20.02 15.61
C LEU B 471 -6.76 20.03 14.87
N GLY B 472 -7.04 19.00 14.08
CA GLY B 472 -8.30 18.93 13.36
C GLY B 472 -9.50 19.10 14.27
N ALA B 473 -9.51 18.39 15.41
CA ALA B 473 -10.64 18.46 16.32
C ALA B 473 -10.75 19.83 16.97
N ALA B 474 -9.62 20.48 17.21
CA ALA B 474 -9.65 21.81 17.82
C ALA B 474 -10.20 22.82 16.83
N GLU B 475 -9.74 22.75 15.60
CA GLU B 475 -10.27 23.60 14.56
C GLU B 475 -11.78 23.45 14.45
N GLY B 476 -12.29 22.23 14.60
CA GLY B 476 -13.72 22.00 14.51
C GLY B 476 -14.48 22.40 15.74
N PHE B 477 -13.86 22.33 16.93
CA PHE B 477 -14.48 22.88 18.14
C PHE B 477 -14.58 24.40 18.04
N ARG B 478 -13.60 25.01 17.37
CA ARG B 478 -13.65 26.43 17.09
C ARG B 478 -14.78 26.77 16.12
N GLY B 479 -15.08 25.87 15.18
CA GLY B 479 -16.21 26.12 14.31
C GLY B 479 -17.53 26.06 15.04
N ALA B 480 -17.59 25.29 16.12
CA ALA B 480 -18.81 25.18 16.90
C ALA B 480 -19.06 26.36 17.84
N LEU B 481 -18.06 27.20 18.10
CA LEU B 481 -18.25 28.37 18.95
C LEU B 481 -18.08 29.65 18.14
N VAL B 482 -19.09 29.95 17.32
CA VAL B 482 -19.18 31.12 16.43
C VAL B 482 -17.85 31.79 16.08
CMB 3Q8 C . -18.69 -10.47 -16.69
C2B 3Q8 C . -17.49 -11.23 -17.27
C3B 3Q8 C . -16.48 -10.74 -18.13
CAB 3Q8 C . -16.42 -9.30 -18.65
CBB 3Q8 C . -15.43 -8.96 -19.44
C4B 3Q8 C . -15.49 -11.80 -18.46
O_B 3Q8 C . -14.54 -11.76 -19.15
N_B 3Q8 C . -15.96 -13.04 -17.72
C1B 3Q8 C . -17.21 -12.64 -16.99
CHB 3Q8 C . -17.95 -13.39 -16.23
C4A 3Q8 C . -17.46 -14.59 -15.46
N_A 3Q8 C . -18.29 -15.63 -15.18
C3A 3Q8 C . -16.21 -14.85 -14.93
CMA 3Q8 C . -14.95 -13.97 -14.98
C2A 3Q8 C . -16.29 -16.04 -14.31
CAA 3Q8 C . -15.13 -16.73 -13.58
CBA 3Q8 C . -14.43 -17.83 -14.42
CGA 3Q8 C . -13.50 -17.28 -15.50
O1A 3Q8 C . -12.49 -16.56 -15.26
O2A 3Q8 C . -13.78 -17.58 -16.69
C1A 3Q8 C . -17.58 -16.51 -14.46
CHA 3Q8 C . -18.11 -17.82 -13.92
C4D 3Q8 C . -19.37 -18.21 -13.84
N_D 3Q8 C . -20.62 -17.81 -14.59
C3D 3Q8 C . -19.81 -19.31 -12.89
CAD 3Q8 C . -18.86 -20.03 -11.94
CBD 3Q8 C . -17.85 -20.78 -12.79
CGD 3Q8 C . -17.24 -21.78 -11.83
O1D 3Q8 C . -16.22 -21.46 -11.13
O2D 3Q8 C . -17.78 -22.91 -11.74
C2D 3Q8 C . -21.24 -19.55 -13.03
CMD 3Q8 C . -22.10 -20.57 -12.28
C1D 3Q8 C . -21.72 -18.64 -14.07
CHD 3Q8 C . -23.20 -18.64 -14.43
C4C 3Q8 C . -23.77 -17.91 -15.33
N_C 3Q8 C . -23.13 -16.89 -16.27
C1C 3Q8 C . -24.22 -16.29 -17.16
O_C 3Q8 C . -24.02 -15.47 -18.00
C2C 3Q8 C . -25.52 -16.93 -16.76
CMC 3Q8 C . -26.21 -17.56 -17.98
C3C 3Q8 C . -25.22 -17.94 -15.65
CAC 3Q8 C . -26.04 -18.75 -14.99
CBC 3Q8 C . -27.53 -18.76 -15.18
C1 BEN D . -13.05 16.48 9.87
C2 BEN D . -14.31 17.00 9.53
C3 BEN D . -14.83 18.12 10.20
C4 BEN D . -14.10 18.73 11.22
C5 BEN D . -12.85 18.22 11.56
C6 BEN D . -12.32 17.12 10.90
C BEN D . -12.48 15.28 9.15
N1 BEN D . -11.24 15.10 8.90
N2 BEN D . -13.40 14.35 8.77
CMB 3Q8 E . 23.16 4.89 13.46
C2B 3Q8 E . 23.60 3.58 12.78
C3B 3Q8 E . 23.20 2.26 13.13
CAB 3Q8 E . 22.27 1.89 14.28
CBB 3Q8 E . 22.05 0.61 14.53
C4B 3Q8 E . 23.84 1.25 12.22
O_B 3Q8 E . 23.72 0.07 12.26
N_B 3Q8 E . 24.69 2.04 11.24
C1B 3Q8 E . 24.50 3.52 11.59
CHB 3Q8 E . 25.04 4.57 11.04
C4A 3Q8 E . 25.47 4.66 9.59
N_A 3Q8 E . 26.37 5.59 9.19
C3A 3Q8 E . 25.06 3.92 8.49
CMA 3Q8 E . 24.05 2.77 8.40
C2A 3Q8 E . 25.72 4.40 7.43
CAA 3Q8 E . 25.59 3.88 5.99
CBA 3Q8 E . 26.68 2.86 5.63
CGA 3Q8 E . 26.24 1.48 6.14
O1A 3Q8 E . 25.10 1.01 5.88
O2A 3Q8 E . 27.01 0.83 6.86
C1A 3Q8 E . 26.53 5.43 7.85
CHA 3Q8 E . 27.45 6.23 6.95
C4D 3Q8 E . 28.22 7.25 7.26
N_D 3Q8 E . 28.66 7.79 8.58
C3D 3Q8 E . 28.88 8.11 6.21
CAD 3Q8 E . 28.72 7.92 4.71
CBD 3Q8 E . 29.40 6.62 4.34
CGD 3Q8 E . 29.60 6.71 2.84
O1D 3Q8 E . 28.62 6.53 2.08
O2D 3Q8 E . 30.76 7.00 2.41
C2D 3Q8 E . 29.70 9.14 6.85
CMD 3Q8 E . 30.52 10.21 6.13
C1D 3Q8 E . 29.56 8.95 8.30
CHD 3Q8 E . 30.26 9.87 9.28
C4C 3Q8 E . 30.28 9.80 10.59
N_C 3Q8 E . 29.76 8.67 11.50
C1C 3Q8 E . 30.04 9.05 12.95
O_C 3Q8 E . 29.76 8.36 13.89
C2C 3Q8 E . 30.71 10.40 12.95
CMC 3Q8 E . 32.04 10.38 13.71
C3C 3Q8 E . 30.86 10.83 11.48
CAC 3Q8 E . 31.39 11.95 10.96
CBC 3Q8 E . 32.21 12.97 11.68
#